data_2Q7Q
#
_entry.id   2Q7Q
#
_cell.length_a   91.541
_cell.length_b   96.762
_cell.length_c   120.130
_cell.angle_alpha   90.00
_cell.angle_beta   90.00
_cell.angle_gamma   90.00
#
_symmetry.space_group_name_H-M   'P 21 21 21'
#
loop_
_entity.id
_entity.type
_entity.pdbx_description
1 polymer 'Aralkylamine dehydrogenase light chain'
2 polymer 'Aralkylamine dehydrogenase heavy chain'
3 non-polymer 1-(4-CHLOROPHENYL)METHANAMINE
4 water water
#
loop_
_entity_poly.entity_id
_entity_poly.type
_entity_poly.pdbx_seq_one_letter_code
_entity_poly.pdbx_strand_id
1 'polypeptide(L)'
;HISLNPDLANEDEVNSCDYWRHCAVDGFLCSCCGGTTTTCPPGSTPSPIS(TRQ)IGTCHNPHDGKDYLISYHDCCGKTA
CGRCQCNTQTRERPGYEFFLHNDVNWCMANENSTFHCTTSVLVGLAKN
;
D,H
2 'polypeptide(L)'
;REVLTGGHSVSAPQENRIYVMDSVFMHLTESRVHVYDYTNGKFLGMVPTAFNGHVQVSNDGKKIYTMTTYHERITRGKRS
DVVEVWDADKLTFEKEISLPPKRVQGLNYDGLFRQTTDGKFIVLQNASPATSIGIVDVAKGDYVEDVTAAAGCWSVIPQP
NRPRSFMTICGDGGLLTINLGEDGKVASQSRSKQMFSVKDDPIFIAPALDKDKAHFVSYYGNVYSADFSGDEVKVDGPWS
LLNDEDKAKNWVPGGYNLVGLHRASGRMYVFMHPDGKEGTHKFPAAEIWVMDTKTKQRVARIPGRDALSMTIDQQRNLML
TLDGGNVNVYDISQPEPKLLRTIEGAAEASLQVQFHPVGGV
;
A,B
#
# COMPACT_ATOMS: atom_id res chain seq x y z
N GLU A 13 -9.02 25.30 -11.16
CA GLU A 13 -9.45 25.81 -9.83
C GLU A 13 -10.11 24.74 -8.99
N VAL A 14 -10.94 23.91 -9.61
CA VAL A 14 -11.72 22.93 -8.88
C VAL A 14 -10.87 21.74 -8.37
N ASN A 15 -9.71 21.53 -8.99
CA ASN A 15 -8.78 20.49 -8.56
C ASN A 15 -7.85 20.94 -7.42
N SER A 16 -7.97 22.20 -7.01
CA SER A 16 -7.17 22.75 -5.92
C SER A 16 -7.86 22.56 -4.58
N CYS A 17 -7.09 22.22 -3.54
CA CYS A 17 -7.67 22.12 -2.20
C CYS A 17 -8.20 23.45 -1.69
N ASP A 18 -7.70 24.56 -2.22
CA ASP A 18 -8.19 25.88 -1.82
C ASP A 18 -9.48 26.31 -2.49
N TYR A 19 -9.99 25.53 -3.47
CA TYR A 19 -11.30 25.81 -4.05
C TYR A 19 -12.35 25.91 -2.93
N TRP A 20 -13.16 26.96 -2.94
CA TRP A 20 -14.01 27.28 -1.79
C TRP A 20 -14.94 26.15 -1.32
N ARG A 21 -15.46 25.37 -2.25
CA ARG A 21 -16.37 24.28 -1.92
C ARG A 21 -15.69 23.12 -1.18
N HIS A 22 -14.36 23.05 -1.26
CA HIS A 22 -13.64 21.92 -0.65
C HIS A 22 -13.26 22.19 0.79
N CYS A 23 -13.96 23.09 1.48
CA CYS A 23 -13.47 23.58 2.78
C CYS A 23 -13.46 22.57 3.96
N ALA A 24 -14.15 21.44 3.82
CA ALA A 24 -14.11 20.39 4.84
C ALA A 24 -13.84 19.01 4.22
N VAL A 25 -13.03 18.98 3.16
CA VAL A 25 -12.59 17.72 2.57
C VAL A 25 -11.38 17.16 3.30
N ASP A 26 -11.49 15.91 3.75
CA ASP A 26 -10.37 15.10 4.20
C ASP A 26 -10.42 13.88 3.32
N GLY A 27 -9.73 13.94 2.19
CA GLY A 27 -9.72 12.86 1.22
C GLY A 27 -9.18 13.29 -0.14
N PHE A 28 -9.44 12.48 -1.15
CA PHE A 28 -8.99 12.74 -2.52
C PHE A 28 -10.11 13.35 -3.32
N LEU A 29 -9.83 14.43 -4.06
CA LEU A 29 -10.90 15.07 -4.86
C LEU A 29 -11.29 14.20 -6.06
N CYS A 30 -12.57 13.83 -6.16
CA CYS A 30 -12.97 12.94 -7.26
C CYS A 30 -12.70 13.55 -8.64
N SER A 31 -12.66 14.89 -8.71
CA SER A 31 -12.37 15.57 -9.97
C SER A 31 -10.96 15.28 -10.50
N CYS A 32 -10.08 14.80 -9.63
CA CYS A 32 -8.76 14.35 -10.07
C CYS A 32 -8.65 12.84 -10.31
N CYS A 33 -9.76 12.13 -10.16
CA CYS A 33 -9.79 10.68 -10.12
C CYS A 33 -10.65 10.08 -11.23
N GLY A 34 -10.96 10.89 -12.24
CA GLY A 34 -11.78 10.42 -13.35
C GLY A 34 -13.26 10.73 -13.19
N GLY A 35 -13.63 11.42 -12.11
CA GLY A 35 -14.99 11.93 -11.93
C GLY A 35 -15.00 13.43 -12.03
N THR A 36 -15.95 14.04 -11.36
CA THR A 36 -16.04 15.50 -11.33
C THR A 36 -16.30 15.90 -9.89
N THR A 37 -16.47 17.20 -9.68
CA THR A 37 -16.85 17.70 -8.39
C THR A 37 -18.12 17.08 -7.82
N THR A 38 -19.05 16.66 -8.69
CA THR A 38 -20.34 16.12 -8.30
C THR A 38 -20.63 14.72 -8.86
N THR A 39 -19.64 14.03 -9.39
CA THR A 39 -19.88 12.69 -9.93
C THR A 39 -18.76 11.74 -9.58
N CYS A 40 -19.13 10.49 -9.38
CA CYS A 40 -18.15 9.46 -9.02
C CYS A 40 -17.39 8.98 -10.26
N PRO A 41 -16.09 8.70 -10.09
CA PRO A 41 -15.41 8.01 -11.17
C PRO A 41 -16.09 6.70 -11.56
N PRO A 42 -15.86 6.24 -12.80
CA PRO A 42 -16.46 5.00 -13.24
C PRO A 42 -16.18 3.88 -12.27
N GLY A 43 -17.22 3.15 -11.90
CA GLY A 43 -17.07 1.93 -11.10
C GLY A 43 -16.91 2.16 -9.59
N SER A 44 -17.10 3.40 -9.16
CA SER A 44 -17.18 3.74 -7.74
C SER A 44 -18.59 4.18 -7.44
N THR A 45 -19.01 3.84 -6.24
CA THR A 45 -20.40 3.95 -5.83
C THR A 45 -20.55 5.12 -4.85
N PRO A 46 -21.52 6.03 -5.08
CA PRO A 46 -21.78 7.11 -4.14
C PRO A 46 -22.23 6.63 -2.74
N SER A 47 -21.76 7.30 -1.69
CA SER A 47 -22.30 7.06 -0.35
C SER A 47 -23.66 7.76 -0.20
N PRO A 48 -24.62 7.08 0.45
CA PRO A 48 -25.93 7.67 0.69
C PRO A 48 -25.91 8.67 1.85
N ILE A 49 -24.85 8.58 2.67
CA ILE A 49 -24.66 9.44 3.83
C ILE A 49 -23.35 10.20 3.68
N SER A 50 -23.17 11.25 4.46
CA SER A 50 -21.99 12.09 4.35
C SER A 50 -21.89 13.03 5.52
N ILE A 52 -21.24 17.11 6.32
CA ILE A 52 -21.59 18.36 5.64
C ILE A 52 -20.66 19.47 6.13
N GLY A 53 -20.20 20.32 5.21
CA GLY A 53 -19.37 21.48 5.53
C GLY A 53 -20.12 22.78 5.33
N THR A 54 -19.69 23.82 6.02
CA THR A 54 -20.23 25.16 5.79
C THR A 54 -19.11 26.02 5.25
N CYS A 55 -19.19 26.38 3.96
CA CYS A 55 -18.08 27.00 3.26
C CYS A 55 -18.46 28.36 2.71
N HIS A 56 -17.54 29.30 2.81
CA HIS A 56 -17.77 30.67 2.38
C HIS A 56 -17.49 30.83 0.88
N ASN A 57 -18.51 31.21 0.12
CA ASN A 57 -18.36 31.51 -1.31
C ASN A 57 -17.85 32.93 -1.53
N PRO A 58 -16.61 33.08 -2.02
CA PRO A 58 -16.02 34.42 -2.10
C PRO A 58 -16.64 35.28 -3.21
N HIS A 59 -17.36 34.66 -4.13
CA HIS A 59 -17.92 35.38 -5.28
C HIS A 59 -19.17 36.17 -4.93
N ASP A 60 -19.98 35.68 -3.99
CA ASP A 60 -21.16 36.41 -3.53
C ASP A 60 -21.11 36.75 -2.05
N GLY A 61 -20.01 36.38 -1.38
CA GLY A 61 -19.86 36.65 0.04
C GLY A 61 -20.81 35.88 0.94
N LYS A 62 -21.40 34.81 0.42
CA LYS A 62 -22.36 34.00 1.17
C LYS A 62 -21.78 32.65 1.56
N ASP A 63 -22.37 32.05 2.59
CA ASP A 63 -21.97 30.73 3.08
C ASP A 63 -22.98 29.66 2.66
N TYR A 64 -22.46 28.52 2.21
CA TYR A 64 -23.29 27.46 1.67
C TYR A 64 -23.03 26.12 2.35
N LEU A 65 -24.07 25.30 2.43
CA LEU A 65 -23.94 23.93 2.90
C LEU A 65 -23.43 23.08 1.74
N ILE A 66 -22.32 22.38 1.97
CA ILE A 66 -21.73 21.47 0.99
C ILE A 66 -21.79 20.05 1.58
N SER A 67 -22.32 19.10 0.81
CA SER A 67 -22.36 17.71 1.24
C SER A 67 -21.18 16.96 0.62
N TYR A 68 -20.42 16.27 1.45
CA TYR A 68 -19.26 15.51 0.98
C TYR A 68 -19.56 14.02 0.88
N HIS A 69 -20.30 13.65 -0.14
CA HIS A 69 -20.55 12.24 -0.44
C HIS A 69 -19.28 11.66 -1.03
N ASP A 70 -18.84 10.57 -0.44
CA ASP A 70 -17.70 9.85 -0.94
C ASP A 70 -18.13 8.93 -2.07
N CYS A 71 -17.13 8.52 -2.85
CA CYS A 71 -17.30 7.44 -3.79
C CYS A 71 -16.52 6.25 -3.25
N CYS A 72 -17.16 5.09 -3.31
CA CYS A 72 -16.74 3.90 -2.53
C CYS A 72 -16.59 2.64 -3.36
N GLY A 73 -15.93 1.64 -2.80
CA GLY A 73 -15.84 0.33 -3.45
C GLY A 73 -14.72 0.18 -4.48
N LYS A 74 -13.82 1.17 -4.49
CA LYS A 74 -12.52 1.09 -5.15
C LYS A 74 -11.47 1.61 -4.16
N THR A 75 -10.26 1.11 -4.28
CA THR A 75 -9.18 1.50 -3.42
C THR A 75 -8.75 2.96 -3.69
N ALA A 76 -7.93 3.49 -2.78
CA ALA A 76 -7.65 4.91 -2.70
C ALA A 76 -7.20 5.50 -4.04
N CYS A 77 -7.87 6.56 -4.47
CA CYS A 77 -7.48 7.22 -5.71
C CYS A 77 -6.07 7.75 -5.64
N GLY A 78 -5.66 8.34 -4.51
CA GLY A 78 -4.30 8.83 -4.33
C GLY A 78 -3.95 10.16 -4.94
N ARG A 79 -4.92 10.84 -5.53
CA ARG A 79 -4.65 12.07 -6.24
C ARG A 79 -5.39 13.20 -5.60
N CYS A 80 -4.77 14.38 -5.59
CA CYS A 80 -5.40 15.56 -5.01
C CYS A 80 -5.89 15.31 -3.59
N GLN A 81 -4.99 14.85 -2.73
CA GLN A 81 -5.37 14.69 -1.32
C GLN A 81 -5.47 16.06 -0.65
N CYS A 82 -6.60 16.30 0.02
CA CYS A 82 -6.85 17.54 0.74
C CYS A 82 -7.19 17.24 2.21
N ASN A 83 -6.91 18.20 3.10
CA ASN A 83 -7.23 18.04 4.53
C ASN A 83 -7.67 19.36 5.16
N THR A 84 -8.79 19.90 4.66
CA THR A 84 -9.30 21.18 5.11
C THR A 84 -10.40 20.98 6.15
N GLN A 85 -10.46 21.91 7.11
CA GLN A 85 -11.16 21.68 8.36
C GLN A 85 -12.05 22.85 8.79
N THR A 86 -12.45 23.68 7.84
CA THR A 86 -13.31 24.83 8.14
C THR A 86 -14.66 24.38 8.72
N ARG A 87 -14.91 24.76 9.97
CA ARG A 87 -16.17 24.43 10.67
C ARG A 87 -16.39 22.94 10.99
N GLU A 88 -15.33 22.14 10.80
CA GLU A 88 -15.38 20.72 11.11
C GLU A 88 -15.32 20.54 12.63
N ARG A 89 -16.07 19.56 13.11
CA ARG A 89 -16.19 19.33 14.53
C ARG A 89 -16.00 17.84 14.85
N PRO A 90 -15.70 17.49 16.10
CA PRO A 90 -15.42 16.11 16.45
C PRO A 90 -16.63 15.17 16.36
N GLY A 91 -16.43 13.89 16.66
CA GLY A 91 -17.45 12.90 16.42
C GLY A 91 -18.73 12.99 17.25
N TYR A 92 -18.70 13.77 18.32
CA TYR A 92 -19.93 14.05 19.08
C TYR A 92 -20.83 15.05 18.33
N GLU A 93 -20.35 15.58 17.21
CA GLU A 93 -21.19 16.29 16.22
C GLU A 93 -20.98 15.56 14.89
N PHE A 94 -21.57 14.38 14.79
CA PHE A 94 -21.07 13.34 13.88
C PHE A 94 -21.16 13.76 12.44
N PHE A 95 -22.24 14.42 12.05
CA PHE A 95 -22.39 14.81 10.62
C PHE A 95 -21.65 16.10 10.23
N LEU A 96 -20.86 16.63 11.16
CA LEU A 96 -19.90 17.68 10.87
C LEU A 96 -18.44 17.20 10.90
N HIS A 97 -18.23 15.90 11.01
CA HIS A 97 -16.93 15.34 11.38
C HIS A 97 -16.33 14.62 10.16
N ASN A 98 -15.06 14.89 9.86
CA ASN A 98 -14.45 14.28 8.68
C ASN A 98 -13.29 13.36 8.92
N ASP A 99 -13.07 12.94 10.18
CA ASP A 99 -12.03 11.95 10.46
C ASP A 99 -12.56 10.52 10.48
N VAL A 100 -13.75 10.32 9.92
CA VAL A 100 -14.31 9.01 9.74
C VAL A 100 -14.57 8.78 8.26
N ASN A 101 -14.75 7.52 7.91
CA ASN A 101 -14.99 7.10 6.53
C ASN A 101 -16.48 7.21 6.20
N TRP A 102 -16.89 8.20 5.42
CA TRP A 102 -18.33 8.29 5.07
C TRP A 102 -18.78 7.23 4.05
N CYS A 103 -17.87 6.36 3.62
CA CYS A 103 -18.25 5.12 2.96
C CYS A 103 -18.66 4.00 3.93
N MET A 104 -18.68 4.28 5.24
CA MET A 104 -18.85 3.27 6.28
C MET A 104 -20.11 2.40 6.16
N ALA A 105 -21.15 2.92 5.51
CA ALA A 105 -22.41 2.17 5.39
C ALA A 105 -22.62 1.57 3.99
N ASN A 106 -21.66 1.78 3.07
CA ASN A 106 -21.80 1.29 1.69
C ASN A 106 -21.65 -0.22 1.64
N GLU A 107 -22.14 -0.82 0.56
CA GLU A 107 -22.01 -2.25 0.34
C GLU A 107 -20.54 -2.67 0.39
N ASN A 108 -19.68 -1.85 -0.20
CA ASN A 108 -18.26 -1.95 0.07
C ASN A 108 -17.69 -0.63 0.57
N SER A 109 -17.07 -0.69 1.74
CA SER A 109 -16.69 0.51 2.46
C SER A 109 -15.33 1.06 2.06
N THR A 110 -14.64 0.42 1.11
CA THR A 110 -13.32 0.92 0.71
C THR A 110 -13.48 2.33 0.16
N PHE A 111 -12.65 3.26 0.66
CA PHE A 111 -12.74 4.68 0.34
C PHE A 111 -11.95 5.01 -0.93
N HIS A 112 -12.61 5.63 -1.93
CA HIS A 112 -11.95 5.97 -3.20
C HIS A 112 -11.65 7.45 -3.37
N CYS A 113 -12.69 8.30 -3.27
CA CYS A 113 -12.52 9.74 -3.39
C CYS A 113 -13.75 10.45 -2.84
N THR A 114 -13.68 11.77 -2.74
CA THR A 114 -14.73 12.57 -2.13
C THR A 114 -15.26 13.57 -3.16
N THR A 115 -16.61 13.71 -3.20
CA THR A 115 -17.26 14.77 -3.97
C THR A 115 -17.63 15.94 -3.07
N SER A 116 -17.88 17.09 -3.70
CA SER A 116 -18.27 18.31 -2.98
C SER A 116 -19.50 18.88 -3.65
N VAL A 117 -20.68 18.56 -3.10
CA VAL A 117 -21.95 18.88 -3.73
C VAL A 117 -22.64 20.05 -3.00
N LEU A 118 -22.94 21.11 -3.76
CA LEU A 118 -23.63 22.28 -3.20
C LEU A 118 -25.07 21.92 -2.85
N VAL A 119 -25.42 22.07 -1.57
CA VAL A 119 -26.79 21.78 -1.13
C VAL A 119 -27.65 23.04 -1.18
N GLY A 120 -27.17 24.10 -0.53
CA GLY A 120 -27.87 25.38 -0.47
C GLY A 120 -27.20 26.36 0.46
N LEU A 121 -27.85 27.48 0.74
CA LEU A 121 -27.32 28.47 1.67
C LEU A 121 -27.36 27.94 3.09
N HIS B 1 37.23 -15.71 6.64
CA HIS B 1 36.27 -16.51 7.45
C HIS B 1 35.32 -15.63 8.26
N ILE B 2 35.83 -14.50 8.76
CA ILE B 2 34.98 -13.57 9.53
C ILE B 2 33.90 -12.95 8.63
N SER B 3 34.25 -12.70 7.36
CA SER B 3 33.31 -12.18 6.38
C SER B 3 32.26 -13.21 5.94
N LEU B 4 32.36 -14.45 6.42
CA LEU B 4 31.32 -15.45 6.16
C LEU B 4 30.23 -15.44 7.22
N ASN B 5 30.38 -14.66 8.27
CA ASN B 5 29.34 -14.63 9.29
C ASN B 5 28.78 -13.23 9.46
N PRO B 6 27.58 -12.97 8.89
CA PRO B 6 26.99 -11.63 8.95
C PRO B 6 26.70 -11.18 10.36
N ASP B 7 26.46 -12.13 11.27
CA ASP B 7 26.14 -11.79 12.65
C ASP B 7 27.28 -11.10 13.38
N LEU B 8 28.50 -11.22 12.86
CA LEU B 8 29.67 -10.62 13.51
C LEU B 8 30.02 -9.26 12.92
N ALA B 9 29.38 -8.92 11.80
CA ALA B 9 29.63 -7.66 11.11
C ALA B 9 28.84 -6.49 11.70
N ASN B 10 29.29 -5.28 11.37
CA ASN B 10 28.57 -4.07 11.71
C ASN B 10 27.20 -4.07 11.02
N GLU B 11 26.16 -3.72 11.76
CA GLU B 11 24.77 -3.76 11.24
C GLU B 11 24.60 -2.88 10.00
N ASP B 12 25.30 -1.75 9.98
CA ASP B 12 25.25 -0.88 8.81
C ASP B 12 25.86 -1.50 7.57
N GLU B 13 26.80 -2.43 7.75
CA GLU B 13 27.39 -3.15 6.62
C GLU B 13 26.42 -4.17 6.01
N VAL B 14 25.81 -5.00 6.85
CA VAL B 14 24.94 -6.06 6.39
C VAL B 14 23.58 -5.53 5.88
N ASN B 15 23.16 -4.39 6.40
CA ASN B 15 21.92 -3.74 5.99
C ASN B 15 22.05 -2.94 4.68
N SER B 16 23.21 -2.98 4.05
CA SER B 16 23.44 -2.26 2.82
C SER B 16 23.27 -3.19 1.64
N CYS B 17 22.70 -2.68 0.55
CA CYS B 17 22.53 -3.49 -0.65
C CYS B 17 23.85 -3.94 -1.29
N ASP B 18 24.96 -3.27 -0.97
CA ASP B 18 26.25 -3.64 -1.55
C ASP B 18 26.99 -4.68 -0.71
N TYR B 19 26.40 -5.13 0.40
CA TYR B 19 26.99 -6.22 1.17
C TYR B 19 27.13 -7.41 0.24
N TRP B 20 28.28 -8.07 0.31
CA TRP B 20 28.67 -8.99 -0.75
C TRP B 20 27.65 -10.10 -1.00
N ARG B 21 27.02 -10.63 0.04
CA ARG B 21 26.10 -11.73 -0.21
C ARG B 21 24.73 -11.32 -0.75
N HIS B 22 24.47 -10.02 -0.88
CA HIS B 22 23.17 -9.55 -1.37
C HIS B 22 23.15 -9.31 -2.88
N CYS B 23 24.00 -10.02 -3.61
CA CYS B 23 24.29 -9.68 -5.00
C CYS B 23 23.16 -9.96 -6.00
N ALA B 24 22.16 -10.75 -5.62
CA ALA B 24 20.99 -10.97 -6.48
C ALA B 24 19.68 -10.83 -5.71
N VAL B 25 19.64 -9.85 -4.81
CA VAL B 25 18.47 -9.59 -4.00
C VAL B 25 17.57 -8.60 -4.72
N ASP B 26 16.30 -8.96 -4.87
CA ASP B 26 15.24 -8.08 -5.35
C ASP B 26 14.15 -8.11 -4.27
N GLY B 27 14.25 -7.20 -3.29
CA GLY B 27 13.25 -7.09 -2.22
C GLY B 27 13.84 -6.43 -1.00
N PHE B 28 13.14 -6.54 0.13
CA PHE B 28 13.54 -5.86 1.36
C PHE B 28 14.41 -6.79 2.18
N LEU B 29 15.54 -6.28 2.65
CA LEU B 29 16.47 -7.09 3.45
C LEU B 29 15.83 -7.45 4.81
N CYS B 30 15.66 -8.73 5.13
CA CYS B 30 15.06 -9.09 6.42
C CYS B 30 15.82 -8.54 7.62
N SER B 31 17.14 -8.32 7.49
CA SER B 31 17.92 -7.77 8.58
C SER B 31 17.51 -6.35 8.97
N CYS B 32 16.76 -5.66 8.12
CA CYS B 32 16.21 -4.34 8.42
C CYS B 32 14.78 -4.38 8.90
N CYS B 33 14.23 -5.58 9.01
CA CYS B 33 12.80 -5.79 9.17
C CYS B 33 12.51 -6.50 10.49
N GLY B 34 13.46 -6.53 11.40
CA GLY B 34 13.30 -7.23 12.66
C GLY B 34 13.88 -8.62 12.72
N GLY B 35 14.45 -9.06 11.59
CA GLY B 35 15.10 -10.35 11.54
C GLY B 35 16.59 -10.15 11.41
N THR B 36 17.27 -11.17 10.88
CA THR B 36 18.69 -11.07 10.61
C THR B 36 18.91 -11.63 9.21
N THR B 37 20.17 -11.68 8.79
CA THR B 37 20.49 -12.18 7.44
C THR B 37 19.96 -13.59 7.22
N THR B 38 19.82 -14.36 8.29
CA THR B 38 19.45 -15.77 8.19
C THR B 38 18.26 -16.18 9.06
N THR B 39 17.48 -15.20 9.54
CA THR B 39 16.33 -15.49 10.36
C THR B 39 15.18 -14.56 9.95
N CYS B 40 13.99 -15.13 9.88
CA CYS B 40 12.82 -14.33 9.50
C CYS B 40 12.38 -13.44 10.67
N PRO B 41 11.85 -12.25 10.36
CA PRO B 41 11.23 -11.43 11.40
C PRO B 41 10.11 -12.19 12.08
N PRO B 42 9.82 -11.84 13.35
CA PRO B 42 8.78 -12.58 14.06
C PRO B 42 7.47 -12.63 13.28
N GLY B 43 6.86 -13.81 13.21
CA GLY B 43 5.56 -13.98 12.57
C GLY B 43 5.57 -14.04 11.06
N SER B 44 6.76 -14.13 10.46
CA SER B 44 6.88 -14.35 9.02
C SER B 44 7.50 -15.71 8.79
N THR B 45 7.10 -16.37 7.70
CA THR B 45 7.41 -17.79 7.49
C THR B 45 8.45 -17.98 6.38
N PRO B 46 9.49 -18.80 6.63
CA PRO B 46 10.50 -19.06 5.59
C PRO B 46 9.92 -19.73 4.35
N SER B 47 10.43 -19.38 3.17
CA SER B 47 10.05 -20.08 1.95
C SER B 47 10.93 -21.31 1.86
N PRO B 48 10.32 -22.44 1.50
CA PRO B 48 11.10 -23.66 1.31
C PRO B 48 11.90 -23.66 0.00
N ILE B 49 11.52 -22.79 -0.93
CA ILE B 49 12.14 -22.69 -2.26
C ILE B 49 12.73 -21.28 -2.40
N SER B 50 13.59 -21.08 -3.40
CA SER B 50 14.22 -19.81 -3.61
C SER B 50 14.93 -19.76 -4.94
N ILE B 52 18.69 -18.66 -6.52
CA ILE B 52 20.05 -18.76 -6.02
C ILE B 52 20.95 -17.83 -6.82
N GLY B 53 21.81 -17.14 -6.08
CA GLY B 53 22.84 -16.31 -6.69
C GLY B 53 24.21 -16.88 -6.46
N THR B 54 25.15 -16.48 -7.32
CA THR B 54 26.54 -16.73 -7.10
C THR B 54 27.17 -15.39 -6.86
N CYS B 55 27.73 -15.18 -5.66
CA CYS B 55 28.29 -13.89 -5.27
C CYS B 55 29.75 -14.00 -4.89
N HIS B 56 30.54 -13.01 -5.31
CA HIS B 56 31.94 -12.92 -4.97
C HIS B 56 32.12 -12.29 -3.61
N ASN B 57 32.94 -12.92 -2.77
CA ASN B 57 33.36 -12.34 -1.51
C ASN B 57 34.71 -11.66 -1.69
N PRO B 58 34.74 -10.32 -1.66
CA PRO B 58 35.99 -9.60 -1.91
C PRO B 58 36.93 -9.61 -0.72
N HIS B 59 36.42 -10.06 0.44
CA HIS B 59 37.19 -10.12 1.66
C HIS B 59 38.07 -11.36 1.68
N ASP B 60 37.60 -12.47 1.09
CA ASP B 60 38.41 -13.68 1.01
C ASP B 60 38.72 -14.16 -0.42
N GLY B 61 38.19 -13.44 -1.43
CA GLY B 61 38.52 -13.72 -2.83
C GLY B 61 37.85 -14.93 -3.45
N LYS B 62 36.91 -15.53 -2.72
CA LYS B 62 36.19 -16.72 -3.17
C LYS B 62 34.74 -16.39 -3.56
N ASP B 63 34.14 -17.30 -4.32
CA ASP B 63 32.79 -17.17 -4.83
C ASP B 63 31.89 -18.19 -4.15
N TYR B 64 30.69 -17.74 -3.77
CA TYR B 64 29.78 -18.54 -2.99
C TYR B 64 28.37 -18.59 -3.57
N LEU B 65 27.73 -19.73 -3.38
CA LEU B 65 26.33 -19.91 -3.68
C LEU B 65 25.49 -19.36 -2.52
N ILE B 66 24.58 -18.45 -2.87
CA ILE B 66 23.69 -17.81 -1.91
C ILE B 66 22.24 -18.13 -2.28
N SER B 67 21.49 -18.67 -1.33
CA SER B 67 20.08 -18.97 -1.50
C SER B 67 19.23 -17.84 -0.97
N TYR B 68 18.39 -17.26 -1.83
CA TYR B 68 17.56 -16.09 -1.46
C TYR B 68 16.17 -16.53 -1.03
N HIS B 69 16.10 -17.11 0.15
CA HIS B 69 14.84 -17.53 0.70
C HIS B 69 14.13 -16.29 1.20
N ASP B 70 12.86 -16.23 0.90
CA ASP B 70 11.99 -15.17 1.43
C ASP B 70 11.37 -15.53 2.77
N CYS B 71 10.89 -14.49 3.44
CA CYS B 71 10.02 -14.62 4.60
C CYS B 71 8.65 -14.10 4.17
N CYS B 72 7.61 -14.85 4.51
CA CYS B 72 6.31 -14.74 3.85
C CYS B 72 5.18 -14.67 4.85
N GLY B 73 3.99 -14.27 4.37
CA GLY B 73 2.79 -14.26 5.18
C GLY B 73 2.60 -13.04 6.06
N LYS B 74 3.38 -12.02 5.78
CA LYS B 74 3.13 -10.66 6.26
C LYS B 74 3.31 -9.72 5.10
N THR B 75 2.67 -8.56 5.18
CA THR B 75 2.75 -7.57 4.10
C THR B 75 4.13 -6.92 4.05
N ALA B 76 4.37 -6.22 2.94
CA ALA B 76 5.69 -5.74 2.60
C ALA B 76 6.39 -5.01 3.73
N CYS B 77 7.61 -5.40 4.05
CA CYS B 77 8.35 -4.74 5.14
C CYS B 77 8.65 -3.27 4.82
N GLY B 78 8.99 -3.00 3.57
CA GLY B 78 9.22 -1.65 3.10
C GLY B 78 10.56 -1.03 3.38
N ARG B 79 11.44 -1.71 4.11
CA ARG B 79 12.76 -1.20 4.48
C ARG B 79 13.91 -1.93 3.76
N CYS B 80 14.97 -1.19 3.47
CA CYS B 80 16.16 -1.71 2.79
C CYS B 80 15.77 -2.45 1.52
N GLN B 81 15.06 -1.77 0.62
CA GLN B 81 14.73 -2.37 -0.66
C GLN B 81 16.00 -2.40 -1.52
N CYS B 82 16.32 -3.58 -2.02
CA CYS B 82 17.45 -3.78 -2.91
C CYS B 82 16.98 -4.36 -4.24
N ASN B 83 17.76 -4.09 -5.31
CA ASN B 83 17.44 -4.64 -6.63
C ASN B 83 18.67 -5.09 -7.44
N THR B 84 19.60 -5.81 -6.80
CA THR B 84 20.88 -6.21 -7.41
C THR B 84 20.69 -7.50 -8.21
N GLN B 85 21.46 -7.63 -9.29
CA GLN B 85 21.16 -8.61 -10.36
C GLN B 85 22.36 -9.39 -10.86
N THR B 86 23.41 -9.48 -10.05
CA THR B 86 24.61 -10.22 -10.43
C THR B 86 24.27 -11.68 -10.70
N ARG B 87 24.52 -12.09 -11.95
CA ARG B 87 24.33 -13.47 -12.44
C ARG B 87 22.88 -13.93 -12.50
N GLU B 88 21.95 -12.98 -12.32
CA GLU B 88 20.54 -13.24 -12.44
C GLU B 88 20.14 -13.45 -13.88
N ARG B 89 19.22 -14.39 -14.09
CA ARG B 89 18.78 -14.76 -15.43
C ARG B 89 17.24 -14.87 -15.53
N PRO B 90 16.70 -14.85 -16.76
CA PRO B 90 15.26 -14.86 -16.91
C PRO B 90 14.57 -16.16 -16.52
N GLY B 91 13.26 -16.19 -16.67
CA GLY B 91 12.41 -17.25 -16.14
C GLY B 91 12.62 -18.61 -16.79
N TYR B 92 13.24 -18.63 -17.96
CA TYR B 92 13.65 -19.91 -18.59
C TYR B 92 14.90 -20.50 -17.91
N GLU B 93 15.47 -19.81 -16.92
CA GLU B 93 16.44 -20.38 -15.98
C GLU B 93 15.88 -20.10 -14.60
N PHE B 94 14.79 -20.78 -14.29
CA PHE B 94 13.83 -20.30 -13.30
C PHE B 94 14.42 -20.09 -11.91
N PHE B 95 15.30 -20.97 -11.46
CA PHE B 95 15.86 -20.82 -10.13
C PHE B 95 17.05 -19.86 -10.02
N LEU B 96 17.39 -19.20 -11.15
CA LEU B 96 18.32 -18.09 -11.15
C LEU B 96 17.61 -16.72 -11.28
N HIS B 97 16.28 -16.74 -11.23
CA HIS B 97 15.45 -15.60 -11.61
C HIS B 97 14.83 -14.93 -10.39
N ASN B 98 14.98 -13.60 -10.28
CA ASN B 98 14.43 -12.90 -9.09
C ASN B 98 13.24 -11.94 -9.34
N ASP B 99 12.63 -11.92 -10.54
CA ASP B 99 11.43 -11.13 -10.78
C ASP B 99 10.13 -11.88 -10.49
N VAL B 100 10.26 -13.02 -9.81
CA VAL B 100 9.12 -13.76 -9.31
C VAL B 100 9.15 -13.77 -7.78
N ASN B 101 8.00 -14.06 -7.22
CA ASN B 101 7.83 -14.13 -5.77
C ASN B 101 8.22 -15.49 -5.25
N TRP B 102 9.35 -15.60 -4.56
CA TRP B 102 9.80 -16.93 -4.07
C TRP B 102 8.97 -17.40 -2.83
N CYS B 103 8.01 -16.57 -2.40
CA CYS B 103 6.94 -17.01 -1.46
C CYS B 103 5.78 -17.75 -2.14
N MET B 104 5.87 -17.96 -3.47
CA MET B 104 4.76 -18.47 -4.28
C MET B 104 4.14 -19.80 -3.82
N ALA B 105 4.93 -20.62 -3.14
CA ALA B 105 4.50 -21.94 -2.71
C ALA B 105 4.26 -22.02 -1.21
N ASN B 106 4.37 -20.88 -0.51
CA ASN B 106 4.03 -20.85 0.91
C ASN B 106 2.51 -20.92 1.16
N GLU B 107 2.17 -21.29 2.39
CA GLU B 107 0.79 -21.33 2.82
C GLU B 107 0.12 -19.97 2.66
N ASN B 108 0.89 -18.91 2.93
CA ASN B 108 0.48 -17.56 2.53
C ASN B 108 1.59 -16.89 1.77
N SER B 109 1.29 -16.57 0.49
CA SER B 109 2.30 -16.09 -0.42
C SER B 109 2.60 -14.59 -0.34
N THR B 110 2.02 -13.87 0.62
CA THR B 110 2.37 -12.44 0.70
C THR B 110 3.85 -12.31 1.00
N PHE B 111 4.53 -11.44 0.25
CA PHE B 111 5.95 -11.25 0.35
C PHE B 111 6.26 -10.21 1.44
N HIS B 112 7.04 -10.62 2.44
CA HIS B 112 7.46 -9.72 3.52
C HIS B 112 8.90 -9.16 3.37
N CYS B 113 9.88 -10.05 3.26
CA CYS B 113 11.27 -9.65 3.09
C CYS B 113 12.11 -10.83 2.57
N THR B 114 13.37 -10.56 2.22
CA THR B 114 14.29 -11.55 1.62
C THR B 114 15.54 -11.71 2.48
N THR B 115 15.96 -12.96 2.67
CA THR B 115 17.18 -13.32 3.40
C THR B 115 18.24 -13.78 2.37
N SER B 116 19.49 -13.83 2.81
CA SER B 116 20.59 -14.21 1.92
C SER B 116 21.38 -15.31 2.61
N VAL B 117 21.05 -16.56 2.27
CA VAL B 117 21.54 -17.72 3.02
C VAL B 117 22.75 -18.34 2.34
N LEU B 118 23.82 -18.56 3.10
CA LEU B 118 25.05 -19.14 2.52
C LEU B 118 24.91 -20.65 2.37
N VAL B 119 25.01 -21.11 1.13
CA VAL B 119 24.89 -22.53 0.83
C VAL B 119 26.29 -23.14 0.91
N GLY B 120 27.24 -22.52 0.21
CA GLY B 120 28.64 -22.93 0.25
C GLY B 120 29.39 -22.42 -0.95
N LEU B 121 30.55 -23.00 -1.21
CA LEU B 121 31.40 -22.57 -2.33
C LEU B 121 30.75 -22.79 -3.67
N ALA B 122 30.94 -21.85 -4.59
CA ALA B 122 30.45 -22.00 -5.95
C ALA B 122 31.39 -22.91 -6.74
N VAL C 3 -27.03 15.02 -15.39
CA VAL C 3 -25.83 14.16 -15.12
C VAL C 3 -26.00 13.49 -13.74
N LEU C 4 -26.08 12.17 -13.75
CA LEU C 4 -26.29 11.38 -12.53
C LEU C 4 -24.98 11.27 -11.72
N THR C 5 -25.05 10.83 -10.46
CA THR C 5 -23.86 10.84 -9.60
C THR C 5 -22.93 9.65 -9.88
N GLY C 6 -23.50 8.45 -9.98
CA GLY C 6 -22.75 7.25 -10.39
C GLY C 6 -23.16 6.71 -11.75
N GLY C 7 -22.69 5.50 -12.07
CA GLY C 7 -23.03 4.82 -13.33
C GLY C 7 -22.33 5.30 -14.60
N HIS C 8 -21.31 6.15 -14.45
CA HIS C 8 -20.63 6.74 -15.60
C HIS C 8 -19.59 5.89 -16.26
N SER C 9 -19.43 6.13 -17.56
CA SER C 9 -18.40 5.53 -18.34
C SER C 9 -17.21 6.47 -18.44
N VAL C 10 -16.09 5.89 -18.84
CA VAL C 10 -14.86 6.64 -19.04
C VAL C 10 -15.13 7.78 -20.00
N SER C 11 -14.59 8.94 -19.67
CA SER C 11 -14.99 10.17 -20.37
C SER C 11 -14.30 10.37 -21.71
N ALA C 12 -13.16 9.73 -21.92
CA ALA C 12 -12.39 9.91 -23.15
C ALA C 12 -12.65 8.72 -24.04
N PRO C 13 -12.58 8.91 -25.36
CA PRO C 13 -12.82 7.80 -26.28
C PRO C 13 -11.78 6.68 -26.10
N GLN C 14 -12.15 5.43 -26.39
CA GLN C 14 -11.25 4.28 -26.22
C GLN C 14 -9.90 4.51 -26.87
N GLU C 15 -9.90 5.12 -28.06
CA GLU C 15 -8.67 5.35 -28.79
C GLU C 15 -7.65 6.23 -28.06
N ASN C 16 -8.06 6.94 -27.01
CA ASN C 16 -7.14 7.77 -26.25
C ASN C 16 -6.58 7.07 -25.01
N ARG C 17 -7.06 5.87 -24.71
CA ARG C 17 -6.78 5.25 -23.40
C ARG C 17 -5.52 4.40 -23.35
N ILE C 18 -4.80 4.53 -22.23
CA ILE C 18 -3.67 3.66 -21.92
C ILE C 18 -3.86 3.12 -20.50
N TYR C 19 -3.14 2.04 -20.20
CA TYR C 19 -3.33 1.26 -18.98
C TYR C 19 -1.96 1.11 -18.34
N VAL C 20 -1.78 1.77 -17.19
CA VAL C 20 -0.54 1.70 -16.45
C VAL C 20 -0.74 0.72 -15.28
N MET C 21 -0.04 -0.40 -15.31
CA MET C 21 -0.23 -1.43 -14.27
C MET C 21 0.69 -1.09 -13.11
N ASP C 22 0.10 -0.57 -12.01
CA ASP C 22 0.89 -0.14 -10.87
C ASP C 22 0.96 -1.28 -9.87
N SER C 23 2.14 -1.88 -9.74
CA SER C 23 2.34 -2.95 -8.78
C SER C 23 2.21 -2.45 -7.35
N VAL C 24 2.51 -1.18 -7.14
CA VAL C 24 2.55 -0.62 -5.77
C VAL C 24 3.38 -1.57 -4.87
N PHE C 25 4.60 -1.85 -5.30
CA PHE C 25 5.42 -2.89 -4.65
C PHE C 25 5.58 -2.66 -3.15
N MET C 26 5.64 -1.41 -2.72
CA MET C 26 5.72 -1.12 -1.27
C MET C 26 4.49 -1.56 -0.48
N HIS C 27 3.34 -1.64 -1.16
CA HIS C 27 2.08 -2.12 -0.61
C HIS C 27 1.43 -3.02 -1.64
N LEU C 28 2.11 -4.13 -1.91
CA LEU C 28 1.81 -4.99 -3.08
C LEU C 28 0.43 -5.62 -3.04
N THR C 29 -0.24 -5.65 -1.87
CA THR C 29 -1.62 -6.10 -1.80
C THR C 29 -2.66 -5.13 -2.33
N GLU C 30 -2.23 -3.91 -2.68
CA GLU C 30 -3.11 -2.91 -3.23
C GLU C 30 -2.65 -2.43 -4.61
N SER C 31 -2.14 -3.37 -5.41
CA SER C 31 -1.87 -3.07 -6.80
C SER C 31 -3.15 -2.63 -7.51
N ARG C 32 -2.97 -1.89 -8.59
CA ARG C 32 -4.10 -1.42 -9.41
C ARG C 32 -3.65 -1.00 -10.79
N VAL C 33 -4.65 -0.91 -11.68
CA VAL C 33 -4.48 -0.42 -13.04
C VAL C 33 -4.98 1.02 -13.07
N HIS C 34 -4.13 1.94 -13.49
CA HIS C 34 -4.56 3.32 -13.68
C HIS C 34 -4.78 3.54 -15.18
N VAL C 35 -5.90 4.17 -15.50
CA VAL C 35 -6.29 4.40 -16.88
C VAL C 35 -6.08 5.88 -17.15
N TYR C 36 -5.31 6.17 -18.20
CA TYR C 36 -4.99 7.53 -18.59
C TYR C 36 -5.36 7.84 -20.04
N ASP C 37 -5.60 9.12 -20.31
CA ASP C 37 -5.68 9.64 -21.69
C ASP C 37 -4.30 10.10 -22.11
N TYR C 38 -3.69 9.44 -23.11
CA TYR C 38 -2.31 9.76 -23.49
C TYR C 38 -2.19 11.09 -24.23
N THR C 39 -3.32 11.58 -24.73
CA THR C 39 -3.29 12.83 -25.50
C THR C 39 -3.17 14.08 -24.60
N ASN C 40 -3.61 13.98 -23.34
CA ASN C 40 -3.55 15.11 -22.41
C ASN C 40 -3.13 14.79 -20.98
N GLY C 41 -2.81 13.53 -20.73
CA GLY C 41 -2.37 13.12 -19.42
C GLY C 41 -3.43 13.03 -18.34
N LYS C 42 -4.69 13.13 -18.71
CA LYS C 42 -5.80 13.05 -17.75
C LYS C 42 -5.98 11.63 -17.19
N PHE C 43 -6.08 11.54 -15.87
CA PHE C 43 -6.46 10.32 -15.19
C PHE C 43 -7.93 10.02 -15.42
N LEU C 44 -8.23 8.87 -15.99
CA LEU C 44 -9.62 8.52 -16.34
C LEU C 44 -10.34 7.54 -15.41
N GLY C 45 -9.59 6.76 -14.63
CA GLY C 45 -10.19 5.83 -13.72
C GLY C 45 -9.17 4.79 -13.37
N MET C 46 -9.60 3.74 -12.67
CA MET C 46 -8.69 2.70 -12.21
C MET C 46 -9.42 1.40 -11.92
N VAL C 47 -8.68 0.30 -11.90
CA VAL C 47 -9.25 -0.99 -11.55
C VAL C 47 -8.38 -1.60 -10.46
N PRO C 48 -8.99 -1.91 -9.29
CA PRO C 48 -8.19 -2.54 -8.23
C PRO C 48 -7.83 -3.97 -8.56
N THR C 49 -6.60 -4.36 -8.20
CA THR C 49 -6.10 -5.69 -8.54
C THR C 49 -5.35 -6.42 -7.42
N ALA C 50 -5.65 -6.07 -6.17
CA ALA C 50 -5.23 -6.86 -5.03
C ALA C 50 -3.74 -7.16 -5.09
N PHE C 51 -3.35 -8.42 -4.78
CA PHE C 51 -1.94 -8.71 -4.65
C PHE C 51 -1.33 -8.99 -6.04
N ASN C 52 -0.38 -8.15 -6.43
CA ASN C 52 0.40 -8.35 -7.67
C ASN C 52 -0.50 -8.64 -8.84
N GLY C 53 -1.40 -7.72 -9.15
CA GLY C 53 -2.26 -7.89 -10.31
C GLY C 53 -1.50 -7.83 -11.62
N HIS C 54 -2.05 -8.54 -12.62
CA HIS C 54 -1.65 -8.40 -14.02
C HIS C 54 -2.88 -7.99 -14.80
N VAL C 55 -2.67 -7.37 -15.98
CA VAL C 55 -3.78 -6.82 -16.75
C VAL C 55 -3.56 -6.94 -18.27
N GLN C 56 -4.65 -7.10 -19.02
CA GLN C 56 -4.64 -6.89 -20.46
C GLN C 56 -6.02 -6.42 -20.88
N VAL C 57 -6.12 -5.85 -22.07
CA VAL C 57 -7.42 -5.45 -22.63
C VAL C 57 -7.82 -6.46 -23.71
N SER C 58 -9.08 -6.83 -23.74
CA SER C 58 -9.55 -7.83 -24.71
C SER C 58 -9.25 -7.31 -26.13
N ASN C 59 -8.97 -8.22 -27.04
CA ASN C 59 -8.62 -7.83 -28.41
C ASN C 59 -9.69 -6.94 -29.02
N ASP C 60 -10.95 -7.18 -28.66
CA ASP C 60 -12.08 -6.42 -29.24
C ASP C 60 -12.33 -5.07 -28.58
N GLY C 61 -11.57 -4.79 -27.52
CA GLY C 61 -11.61 -3.48 -26.85
C GLY C 61 -12.75 -3.28 -25.88
N LYS C 62 -13.56 -4.31 -25.65
CA LYS C 62 -14.77 -4.20 -24.89
C LYS C 62 -14.58 -4.50 -23.38
N LYS C 63 -13.55 -5.30 -23.06
CA LYS C 63 -13.33 -5.74 -21.70
C LYS C 63 -11.88 -5.57 -21.25
N ILE C 64 -11.72 -5.46 -19.92
CA ILE C 64 -10.42 -5.52 -19.30
C ILE C 64 -10.36 -6.84 -18.55
N TYR C 65 -9.25 -7.54 -18.71
CA TYR C 65 -9.00 -8.78 -17.99
C TYR C 65 -7.89 -8.54 -16.97
N THR C 66 -8.13 -8.92 -15.73
CA THR C 66 -7.10 -8.88 -14.70
C THR C 66 -6.83 -10.29 -14.17
N MET C 67 -5.65 -10.47 -13.60
CA MET C 67 -5.26 -11.69 -12.94
C MET C 67 -4.70 -11.29 -11.58
N THR C 68 -5.16 -11.97 -10.54
CA THR C 68 -4.72 -11.65 -9.20
C THR C 68 -4.91 -12.81 -8.22
N THR C 69 -4.49 -12.55 -7.00
CA THR C 69 -4.56 -13.51 -5.88
C THR C 69 -5.22 -12.83 -4.69
N TYR C 70 -6.21 -13.53 -4.13
CA TYR C 70 -6.86 -13.16 -2.87
C TYR C 70 -6.60 -14.24 -1.82
N HIS C 71 -6.71 -13.84 -0.54
CA HIS C 71 -6.85 -14.82 0.54
C HIS C 71 -7.99 -14.34 1.44
N GLU C 72 -8.66 -15.25 2.11
CA GLU C 72 -9.83 -14.90 2.93
C GLU C 72 -9.51 -13.81 3.96
N ARG C 73 -8.28 -13.83 4.50
CA ARG C 73 -7.87 -12.79 5.45
C ARG C 73 -6.53 -12.17 5.05
N ILE C 74 -6.30 -12.15 3.72
CA ILE C 74 -5.16 -11.48 3.07
C ILE C 74 -3.81 -12.17 3.34
N THR C 75 -3.38 -12.12 4.60
CA THR C 75 -2.12 -12.72 5.04
C THR C 75 -2.31 -14.12 5.69
N ARG C 76 -3.54 -14.57 5.75
CA ARG C 76 -3.89 -15.92 6.15
C ARG C 76 -5.22 -16.30 5.50
N GLY C 77 -5.57 -17.59 5.60
CA GLY C 77 -6.79 -18.08 5.04
C GLY C 77 -6.60 -18.63 3.62
N LYS C 78 -7.69 -19.13 3.08
CA LYS C 78 -7.65 -19.83 1.80
C LYS C 78 -7.28 -18.89 0.64
N ARG C 79 -6.43 -19.39 -0.25
CA ARG C 79 -6.03 -18.70 -1.47
C ARG C 79 -7.03 -18.90 -2.61
N SER C 80 -7.31 -17.81 -3.35
CA SER C 80 -8.05 -17.84 -4.60
C SER C 80 -7.28 -17.07 -5.67
N ASP C 81 -6.75 -17.79 -6.64
CA ASP C 81 -6.20 -17.20 -7.86
C ASP C 81 -7.33 -17.08 -8.86
N VAL C 82 -7.40 -15.93 -9.52
CA VAL C 82 -8.53 -15.66 -10.40
C VAL C 82 -8.09 -14.86 -11.60
N VAL C 83 -8.88 -14.99 -12.67
CA VAL C 83 -8.94 -14.00 -13.70
C VAL C 83 -10.26 -13.29 -13.47
N GLU C 84 -10.27 -11.98 -13.65
CA GLU C 84 -11.49 -11.19 -13.58
C GLU C 84 -11.75 -10.49 -14.91
N VAL C 85 -13.03 -10.44 -15.28
CA VAL C 85 -13.48 -9.70 -16.46
C VAL C 85 -14.21 -8.46 -16.01
N TRP C 86 -13.72 -7.31 -16.48
CA TRP C 86 -14.24 -5.98 -16.18
C TRP C 86 -14.73 -5.30 -17.45
N ASP C 87 -15.80 -4.52 -17.36
CA ASP C 87 -16.21 -3.72 -18.52
C ASP C 87 -15.20 -2.60 -18.75
N ALA C 88 -14.73 -2.47 -19.99
CA ALA C 88 -13.72 -1.48 -20.30
C ALA C 88 -14.23 -0.05 -20.15
N ASP C 89 -15.51 0.18 -20.43
CA ASP C 89 -16.00 1.56 -20.38
C ASP C 89 -16.52 1.98 -19.00
N LYS C 90 -17.20 1.05 -18.32
CA LYS C 90 -17.76 1.32 -17.00
C LYS C 90 -16.72 1.08 -15.89
N LEU C 91 -15.64 0.38 -16.21
CA LEU C 91 -14.62 -0.03 -15.22
C LEU C 91 -15.24 -0.70 -14.01
N THR C 92 -16.16 -1.61 -14.31
CA THR C 92 -16.93 -2.38 -13.33
C THR C 92 -16.64 -3.86 -13.47
N PHE C 93 -16.67 -4.55 -12.33
CA PHE C 93 -16.44 -5.99 -12.29
C PHE C 93 -17.63 -6.75 -12.84
N GLU C 94 -17.36 -7.77 -13.66
CA GLU C 94 -18.41 -8.61 -14.24
C GLU C 94 -18.38 -10.07 -13.80
N LYS C 95 -17.22 -10.68 -13.87
CA LYS C 95 -17.09 -12.12 -13.75
C LYS C 95 -15.74 -12.51 -13.19
N GLU C 96 -15.76 -13.50 -12.29
CA GLU C 96 -14.59 -14.15 -11.79
C GLU C 96 -14.46 -15.54 -12.41
N ILE C 97 -13.25 -15.86 -12.83
CA ILE C 97 -12.88 -17.17 -13.36
C ILE C 97 -11.82 -17.78 -12.46
N SER C 98 -12.14 -18.94 -11.88
CA SER C 98 -11.24 -19.62 -10.97
C SER C 98 -10.05 -20.24 -11.67
N LEU C 99 -8.88 -20.03 -11.08
CA LEU C 99 -7.65 -20.65 -11.54
C LEU C 99 -7.12 -21.60 -10.46
N PRO C 100 -6.29 -22.58 -10.86
CA PRO C 100 -5.56 -23.35 -9.84
C PRO C 100 -4.59 -22.39 -9.14
N PRO C 101 -4.28 -22.65 -7.85
CA PRO C 101 -3.48 -21.73 -7.04
C PRO C 101 -1.98 -21.78 -7.35
N LYS C 102 -1.65 -21.49 -8.60
CA LYS C 102 -0.30 -21.44 -9.06
C LYS C 102 -0.06 -20.37 -10.15
N ARG C 103 -0.96 -19.40 -10.31
CA ARG C 103 -0.68 -18.34 -11.28
C ARG C 103 0.62 -17.64 -10.92
N VAL C 104 1.37 -17.19 -11.91
CA VAL C 104 2.64 -16.56 -11.65
C VAL C 104 2.47 -15.30 -10.82
N GLN C 105 3.23 -15.23 -9.74
CA GLN C 105 3.36 -13.99 -8.96
C GLN C 105 4.70 -13.43 -9.33
N GLY C 106 4.66 -12.31 -10.03
CA GLY C 106 5.86 -11.70 -10.51
C GLY C 106 5.65 -10.36 -11.20
N LEU C 107 6.77 -9.74 -11.51
CA LEU C 107 6.78 -8.44 -12.20
C LEU C 107 6.06 -8.56 -13.55
N ASN C 108 5.48 -7.45 -13.98
CA ASN C 108 4.54 -7.43 -15.11
C ASN C 108 5.15 -7.37 -16.50
N TYR C 109 5.90 -8.41 -16.83
CA TYR C 109 6.22 -8.70 -18.24
C TYR C 109 4.96 -9.00 -19.02
N ASP C 110 4.83 -8.46 -20.24
CA ASP C 110 3.67 -8.69 -21.08
C ASP C 110 3.39 -10.20 -21.21
N GLY C 111 4.45 -10.99 -21.34
CA GLY C 111 4.30 -12.42 -21.70
C GLY C 111 3.76 -13.34 -20.62
N LEU C 112 3.51 -12.81 -19.43
CA LEU C 112 2.95 -13.65 -18.38
C LEU C 112 1.43 -13.74 -18.40
N PHE C 113 0.78 -12.89 -19.19
CA PHE C 113 -0.67 -12.78 -19.18
C PHE C 113 -1.12 -12.22 -20.54
N ARG C 114 -1.53 -13.13 -21.43
CA ARG C 114 -1.83 -12.80 -22.83
C ARG C 114 -3.13 -13.46 -23.29
N GLN C 115 -3.44 -13.36 -24.60
CA GLN C 115 -4.64 -13.94 -25.15
C GLN C 115 -4.33 -14.39 -26.60
N THR C 116 -5.17 -15.28 -27.10
CA THR C 116 -4.97 -15.73 -28.46
C THR C 116 -5.38 -14.63 -29.42
N THR C 117 -4.84 -14.68 -30.63
CA THR C 117 -5.27 -13.74 -31.67
C THR C 117 -6.78 -13.63 -31.85
N ASP C 118 -7.47 -14.77 -31.84
CA ASP C 118 -8.90 -14.77 -32.04
C ASP C 118 -9.69 -14.28 -30.83
N GLY C 119 -8.95 -14.00 -29.74
CA GLY C 119 -9.56 -13.48 -28.51
C GLY C 119 -10.33 -14.50 -27.69
N LYS C 120 -10.34 -15.77 -28.09
CA LYS C 120 -11.22 -16.71 -27.42
C LYS C 120 -10.61 -17.33 -26.16
N PHE C 121 -9.29 -17.33 -26.06
CA PHE C 121 -8.62 -17.86 -24.88
C PHE C 121 -7.65 -16.87 -24.25
N ILE C 122 -7.70 -16.81 -22.91
CA ILE C 122 -6.65 -16.17 -22.14
C ILE C 122 -5.56 -17.24 -21.91
N VAL C 123 -4.30 -16.85 -22.10
CA VAL C 123 -3.15 -17.74 -21.97
C VAL C 123 -2.22 -17.11 -20.93
N LEU C 124 -1.98 -17.83 -19.83
CA LEU C 124 -1.26 -17.27 -18.69
C LEU C 124 -0.16 -18.21 -18.17
N GLN C 125 0.84 -17.65 -17.51
CA GLN C 125 1.98 -18.41 -17.04
C GLN C 125 1.68 -18.86 -15.61
N ASN C 126 1.97 -20.13 -15.32
CA ASN C 126 1.91 -20.69 -13.95
C ASN C 126 3.29 -21.03 -13.44
N ALA C 127 3.44 -21.02 -12.11
CA ALA C 127 4.66 -21.52 -11.48
C ALA C 127 4.29 -22.04 -10.10
N SER C 128 4.62 -23.30 -9.85
CA SER C 128 4.23 -23.91 -8.58
C SER C 128 5.34 -24.34 -7.60
N PRO C 129 6.65 -24.30 -7.91
CA PRO C 129 7.35 -23.49 -8.92
C PRO C 129 7.55 -24.19 -10.29
N ALA C 130 7.15 -25.45 -10.42
CA ALA C 130 7.18 -26.08 -11.73
C ALA C 130 6.32 -25.24 -12.70
N THR C 131 6.82 -25.03 -13.91
CA THR C 131 6.08 -24.16 -14.81
C THR C 131 5.14 -24.92 -15.76
N SER C 132 4.00 -24.31 -16.00
CA SER C 132 3.03 -24.76 -16.99
C SER C 132 2.35 -23.51 -17.51
N ILE C 133 1.63 -23.64 -18.64
CA ILE C 133 0.84 -22.55 -19.16
C ILE C 133 -0.63 -22.91 -19.04
N GLY C 134 -1.39 -21.97 -18.49
CA GLY C 134 -2.81 -22.17 -18.33
C GLY C 134 -3.64 -21.55 -19.43
N ILE C 135 -4.70 -22.24 -19.81
CA ILE C 135 -5.65 -21.78 -20.81
C ILE C 135 -7.01 -21.55 -20.19
N VAL C 136 -7.56 -20.36 -20.43
CA VAL C 136 -8.86 -19.96 -19.95
C VAL C 136 -9.76 -19.67 -21.15
N ASP C 137 -10.88 -20.37 -21.19
CA ASP C 137 -11.91 -20.16 -22.20
C ASP C 137 -12.75 -18.96 -21.75
N VAL C 138 -12.63 -17.86 -22.48
CA VAL C 138 -13.30 -16.62 -22.11
C VAL C 138 -14.83 -16.77 -22.09
N ALA C 139 -15.37 -17.29 -23.18
CA ALA C 139 -16.81 -17.51 -23.33
C ALA C 139 -17.37 -18.37 -22.21
N LYS C 140 -16.71 -19.49 -21.94
CA LYS C 140 -17.19 -20.42 -20.92
C LYS C 140 -16.86 -19.95 -19.51
N GLY C 141 -15.92 -19.03 -19.38
CA GLY C 141 -15.49 -18.54 -18.07
C GLY C 141 -14.80 -19.63 -17.26
N ASP C 142 -14.00 -20.45 -17.94
CA ASP C 142 -13.44 -21.65 -17.33
C ASP C 142 -11.96 -21.83 -17.66
N TYR C 143 -11.21 -22.32 -16.68
CA TYR C 143 -9.88 -22.84 -16.90
C TYR C 143 -10.10 -24.20 -17.55
N VAL C 144 -9.51 -24.40 -18.72
CA VAL C 144 -9.80 -25.63 -19.50
C VAL C 144 -8.63 -26.57 -19.79
N GLU C 145 -7.41 -26.11 -19.60
CA GLU C 145 -6.24 -26.86 -20.03
C GLU C 145 -5.00 -26.37 -19.28
N ASP C 146 -4.18 -27.30 -18.82
CA ASP C 146 -2.93 -26.99 -18.18
C ASP C 146 -1.88 -27.58 -19.09
N VAL C 147 -1.09 -26.72 -19.71
CA VAL C 147 -0.07 -27.15 -20.64
C VAL C 147 1.22 -27.44 -19.91
N THR C 148 1.31 -28.65 -19.34
CA THR C 148 2.51 -29.06 -18.63
C THR C 148 3.67 -29.38 -19.57
N ALA C 149 3.37 -29.54 -20.86
CA ALA C 149 4.41 -29.66 -21.88
C ALA C 149 5.38 -28.48 -21.92
N ALA C 150 4.93 -27.35 -21.38
CA ALA C 150 5.76 -26.14 -21.27
C ALA C 150 6.65 -26.04 -20.02
N ALA C 151 6.73 -27.12 -19.25
CA ALA C 151 7.66 -27.20 -18.13
C ALA C 151 9.07 -26.89 -18.59
N GLY C 152 9.76 -26.04 -17.86
CA GLY C 152 11.14 -25.70 -18.18
C GLY C 152 11.20 -24.52 -19.15
N CYS C 153 10.03 -24.04 -19.54
CA CYS C 153 9.91 -22.86 -20.41
C CYS C 153 9.30 -21.70 -19.63
N TRP C 154 9.25 -20.54 -20.29
CA TRP C 154 8.75 -19.32 -19.63
C TRP C 154 8.20 -18.28 -20.59
N SER C 155 7.01 -17.78 -20.27
CA SER C 155 6.32 -16.69 -20.96
C SER C 155 5.59 -17.10 -22.26
N VAL C 156 4.63 -16.28 -22.67
CA VAL C 156 3.70 -16.57 -23.77
C VAL C 156 3.86 -15.48 -24.85
N ILE C 157 4.15 -15.91 -26.09
CA ILE C 157 4.26 -15.02 -27.24
C ILE C 157 3.20 -15.46 -28.24
N PRO C 158 2.05 -14.76 -28.30
CA PRO C 158 1.01 -15.16 -29.24
C PRO C 158 1.46 -14.98 -30.68
N GLN C 159 0.89 -15.77 -31.57
CA GLN C 159 1.23 -15.68 -33.00
C GLN C 159 0.12 -14.91 -33.71
N PRO C 160 0.41 -13.66 -34.15
CA PRO C 160 -0.65 -12.84 -34.71
C PRO C 160 -1.21 -13.30 -36.06
N ASN C 161 -0.50 -14.23 -36.69
CA ASN C 161 -0.97 -14.84 -37.95
C ASN C 161 -1.85 -16.09 -37.79
N ARG C 162 -2.05 -16.54 -36.55
CA ARG C 162 -2.92 -17.69 -36.29
C ARG C 162 -3.94 -17.40 -35.20
N PRO C 163 -5.11 -18.03 -35.28
CA PRO C 163 -6.19 -17.77 -34.35
C PRO C 163 -5.90 -18.20 -32.91
N ARG C 164 -5.21 -19.31 -32.70
CA ARG C 164 -5.01 -19.83 -31.32
C ARG C 164 -3.74 -20.63 -31.14
N SER C 165 -2.62 -20.00 -31.51
CA SER C 165 -1.30 -20.51 -31.36
C SER C 165 -0.45 -19.48 -30.63
N PHE C 166 0.55 -19.98 -29.91
CA PHE C 166 1.51 -19.17 -29.19
C PHE C 166 2.80 -19.93 -28.99
N MET C 167 3.84 -19.21 -28.63
CA MET C 167 5.13 -19.78 -28.36
C MET C 167 5.60 -19.46 -26.94
N THR C 168 6.57 -20.23 -26.48
CA THR C 168 7.21 -19.97 -25.20
C THR C 168 8.69 -20.22 -25.32
N ILE C 169 9.48 -19.54 -24.49
CA ILE C 169 10.92 -19.68 -24.52
C ILE C 169 11.37 -20.73 -23.51
N CYS C 170 12.19 -21.68 -23.96
CA CYS C 170 12.53 -22.83 -23.14
C CYS C 170 14.00 -22.84 -22.73
N GLY C 171 14.31 -23.66 -21.72
CA GLY C 171 15.64 -23.73 -21.16
C GLY C 171 16.73 -24.34 -22.02
N ASP C 172 16.32 -24.90 -23.15
CA ASP C 172 17.25 -25.39 -24.18
C ASP C 172 17.68 -24.30 -25.17
N GLY C 173 17.17 -23.09 -25.00
CA GLY C 173 17.48 -22.02 -25.95
C GLY C 173 16.60 -21.99 -27.19
N GLY C 174 15.53 -22.78 -27.19
CA GLY C 174 14.56 -22.83 -28.28
C GLY C 174 13.17 -22.38 -27.90
N LEU C 175 12.25 -22.48 -28.86
CA LEU C 175 10.88 -22.12 -28.70
C LEU C 175 9.98 -23.33 -28.86
N LEU C 176 9.01 -23.45 -27.96
CA LEU C 176 7.92 -24.40 -28.05
C LEU C 176 6.67 -23.70 -28.55
N THR C 177 6.12 -24.19 -29.65
CA THR C 177 4.84 -23.73 -30.15
C THR C 177 3.73 -24.64 -29.72
N ILE C 178 2.65 -24.04 -29.24
CA ILE C 178 1.43 -24.72 -28.87
C ILE C 178 0.34 -24.19 -29.74
N ASN C 179 -0.42 -25.13 -30.33
CA ASN C 179 -1.58 -24.84 -31.15
C ASN C 179 -2.82 -25.41 -30.49
N LEU C 180 -3.78 -24.57 -30.15
CA LEU C 180 -4.95 -25.01 -29.40
C LEU C 180 -6.04 -25.47 -30.35
N GLY C 181 -6.81 -26.45 -29.89
CA GLY C 181 -8.03 -26.85 -30.58
C GLY C 181 -9.18 -25.90 -30.28
N GLU C 182 -10.36 -26.23 -30.80
CA GLU C 182 -11.54 -25.37 -30.67
C GLU C 182 -12.00 -25.30 -29.21
N ASP C 183 -11.66 -26.34 -28.44
CA ASP C 183 -12.00 -26.45 -27.04
C ASP C 183 -10.95 -25.87 -26.09
N GLY C 184 -9.80 -25.46 -26.64
CA GLY C 184 -8.72 -24.90 -25.82
C GLY C 184 -7.71 -25.93 -25.33
N LYS C 185 -7.93 -27.21 -25.62
CA LYS C 185 -6.94 -28.21 -25.26
C LYS C 185 -5.90 -28.19 -26.36
N VAL C 186 -4.70 -28.64 -26.05
CA VAL C 186 -3.60 -28.64 -26.99
C VAL C 186 -3.91 -29.64 -28.12
N ALA C 187 -3.87 -29.15 -29.36
CA ALA C 187 -4.14 -29.97 -30.55
C ALA C 187 -2.83 -30.51 -31.07
N SER C 188 -1.87 -29.61 -31.19
CA SER C 188 -0.53 -29.93 -31.62
C SER C 188 0.48 -29.00 -31.00
N GLN C 189 1.73 -29.40 -31.08
CA GLN C 189 2.86 -28.60 -30.61
C GLN C 189 4.12 -28.95 -31.39
N SER C 190 5.10 -28.06 -31.33
CA SER C 190 6.38 -28.25 -31.99
C SER C 190 7.46 -27.49 -31.28
N ARG C 191 8.68 -27.98 -31.41
CA ARG C 191 9.83 -27.37 -30.76
C ARG C 191 10.82 -26.97 -31.83
N SER C 192 11.30 -25.72 -31.78
CA SER C 192 12.30 -25.24 -32.70
C SER C 192 13.68 -25.81 -32.43
N LYS C 193 14.61 -25.59 -33.35
CA LYS C 193 16.01 -25.78 -33.04
C LYS C 193 16.48 -24.71 -32.06
N GLN C 194 17.70 -24.86 -31.54
CA GLN C 194 18.25 -23.86 -30.60
C GLN C 194 18.39 -22.51 -31.29
N MET C 195 17.76 -21.50 -30.72
CA MET C 195 17.89 -20.13 -31.23
C MET C 195 19.11 -19.44 -30.61
N PHE C 196 19.24 -19.52 -29.27
CA PHE C 196 20.33 -18.85 -28.56
C PHE C 196 20.96 -19.76 -27.53
N SER C 197 22.21 -19.46 -27.18
CA SER C 197 22.95 -20.14 -26.10
C SER C 197 22.52 -19.55 -24.77
N VAL C 198 21.92 -20.40 -23.94
CA VAL C 198 21.40 -19.94 -22.65
C VAL C 198 22.57 -19.48 -21.74
N LYS C 199 23.68 -20.22 -21.73
CA LYS C 199 24.81 -19.84 -20.92
C LYS C 199 25.61 -18.67 -21.47
N ASP C 200 25.78 -18.59 -22.79
CA ASP C 200 26.71 -17.63 -23.39
C ASP C 200 26.07 -16.35 -23.90
N ASP C 201 24.78 -16.37 -24.22
CA ASP C 201 24.10 -15.20 -24.77
C ASP C 201 22.59 -15.21 -24.50
N PRO C 202 22.24 -15.16 -23.19
CA PRO C 202 20.85 -15.21 -22.81
C PRO C 202 20.08 -14.03 -23.36
N ILE C 203 18.86 -14.28 -23.79
CA ILE C 203 17.99 -13.24 -24.31
C ILE C 203 17.08 -12.70 -23.22
N PHE C 204 16.68 -11.45 -23.40
CA PHE C 204 15.54 -10.90 -22.69
C PHE C 204 14.30 -11.58 -23.22
N ILE C 205 13.32 -11.84 -22.36
CA ILE C 205 12.10 -12.51 -22.82
C ILE C 205 11.15 -11.68 -23.69
N ALA C 206 11.26 -10.35 -23.59
CA ALA C 206 10.33 -9.48 -24.27
C ALA C 206 10.52 -9.54 -25.79
N PRO C 207 9.46 -9.94 -26.56
CA PRO C 207 9.58 -9.94 -28.02
C PRO C 207 9.36 -8.58 -28.65
N ALA C 208 10.10 -8.34 -29.74
CA ALA C 208 9.75 -7.29 -30.71
C ALA C 208 8.99 -8.06 -31.78
N LEU C 209 7.66 -8.00 -31.70
CA LEU C 209 6.78 -8.95 -32.37
C LEU C 209 6.15 -8.41 -33.66
N ASP C 210 6.39 -9.11 -34.78
CA ASP C 210 5.76 -8.80 -36.07
C ASP C 210 4.59 -9.77 -36.33
N LYS C 211 3.91 -9.60 -37.47
CA LYS C 211 2.75 -10.43 -37.78
C LYS C 211 3.12 -11.91 -37.87
N ASP C 212 4.29 -12.25 -38.39
CA ASP C 212 4.70 -13.66 -38.47
C ASP C 212 6.15 -13.92 -38.11
N LYS C 213 6.76 -13.00 -37.36
CA LYS C 213 8.10 -13.17 -36.92
C LYS C 213 8.24 -12.41 -35.59
N ALA C 214 9.18 -12.85 -34.74
CA ALA C 214 9.51 -12.15 -33.48
C ALA C 214 11.01 -12.00 -33.36
N HIS C 215 11.47 -10.85 -32.86
CA HIS C 215 12.87 -10.61 -32.62
C HIS C 215 13.10 -10.48 -31.12
N PHE C 216 14.29 -10.86 -30.67
CA PHE C 216 14.69 -10.82 -29.25
C PHE C 216 16.07 -10.24 -29.12
N VAL C 217 16.32 -9.46 -28.06
CA VAL C 217 17.65 -8.95 -27.80
C VAL C 217 18.30 -9.65 -26.64
N SER C 218 19.63 -9.67 -26.61
CA SER C 218 20.40 -10.44 -25.63
C SER C 218 21.09 -9.56 -24.60
N TYR C 219 21.54 -10.16 -23.49
CA TYR C 219 22.28 -9.44 -22.43
C TYR C 219 23.50 -8.73 -22.97
N TYR C 220 24.08 -9.26 -24.05
CA TYR C 220 25.30 -8.65 -24.62
C TYR C 220 25.10 -7.84 -25.91
N GLY C 221 23.86 -7.56 -26.24
CA GLY C 221 23.55 -6.66 -27.35
C GLY C 221 23.37 -7.31 -28.71
N ASN C 222 23.09 -8.63 -28.73
CA ASN C 222 22.81 -9.36 -29.97
C ASN C 222 21.34 -9.53 -30.21
N VAL C 223 20.99 -9.83 -31.45
CA VAL C 223 19.60 -9.95 -31.85
C VAL C 223 19.38 -11.34 -32.45
N TYR C 224 18.29 -11.98 -32.01
CA TYR C 224 17.86 -13.29 -32.50
C TYR C 224 16.42 -13.17 -33.05
N SER C 225 16.04 -14.05 -34.00
CA SER C 225 14.71 -14.00 -34.56
C SER C 225 14.07 -15.37 -34.68
N ALA C 226 12.75 -15.39 -34.62
CA ALA C 226 11.94 -16.60 -34.86
C ALA C 226 10.87 -16.29 -35.89
N ASP C 227 10.84 -17.06 -36.98
CA ASP C 227 9.87 -16.90 -38.04
C ASP C 227 8.79 -17.98 -38.01
N PHE C 228 7.55 -17.58 -37.89
CA PHE C 228 6.45 -18.52 -37.79
C PHE C 228 5.41 -18.34 -38.90
N SER C 229 5.89 -18.00 -40.10
CA SER C 229 5.07 -17.95 -41.30
C SER C 229 4.75 -19.35 -41.81
N GLY C 230 5.69 -20.27 -41.56
CA GLY C 230 5.55 -21.65 -41.91
C GLY C 230 4.94 -22.49 -40.82
N ASP C 231 4.93 -23.79 -41.07
CA ASP C 231 4.29 -24.76 -40.21
C ASP C 231 5.13 -24.93 -38.95
N GLU C 232 6.43 -24.79 -39.11
CA GLU C 232 7.43 -24.92 -38.05
C GLU C 232 8.25 -23.64 -37.93
N VAL C 233 8.68 -23.32 -36.71
CA VAL C 233 9.43 -22.10 -36.45
C VAL C 233 10.87 -22.22 -36.90
N LYS C 234 11.37 -21.24 -37.65
CA LYS C 234 12.78 -21.16 -38.04
C LYS C 234 13.49 -20.03 -37.29
N VAL C 235 14.67 -20.34 -36.76
CA VAL C 235 15.38 -19.43 -35.87
C VAL C 235 16.70 -18.99 -36.46
N ASP C 236 17.14 -17.79 -36.11
CA ASP C 236 18.46 -17.35 -36.50
C ASP C 236 18.98 -16.27 -35.58
N GLY C 237 20.21 -15.88 -35.83
CA GLY C 237 20.95 -14.97 -34.98
C GLY C 237 22.21 -15.66 -34.49
N PRO C 238 23.16 -14.89 -34.01
CA PRO C 238 22.97 -13.47 -33.65
C PRO C 238 23.39 -12.50 -34.72
N TRP C 239 22.73 -11.35 -34.79
CA TRP C 239 23.38 -10.13 -35.29
C TRP C 239 23.48 -9.10 -34.16
N SER C 240 24.53 -8.29 -34.19
CA SER C 240 24.82 -7.32 -33.12
C SER C 240 24.15 -5.97 -33.33
N LEU C 241 23.64 -5.42 -32.24
CA LEU C 241 23.14 -4.06 -32.22
C LEU C 241 24.27 -3.04 -32.25
N LEU C 242 25.52 -3.46 -32.05
CA LEU C 242 26.61 -2.57 -31.69
C LEU C 242 27.60 -2.38 -32.82
N ASN C 243 27.99 -1.13 -33.05
CA ASN C 243 29.13 -0.84 -33.91
C ASN C 243 30.42 -0.82 -33.07
N ASP C 244 31.57 -0.52 -33.67
CA ASP C 244 32.82 -0.60 -32.93
C ASP C 244 32.91 0.43 -31.82
N GLU C 245 32.37 1.62 -32.04
CA GLU C 245 32.39 2.64 -31.03
C GLU C 245 31.49 2.21 -29.86
N ASP C 246 30.35 1.60 -30.21
CA ASP C 246 29.35 1.16 -29.19
C ASP C 246 30.01 0.09 -28.32
N LYS C 247 30.66 -0.87 -28.96
CA LYS C 247 31.31 -1.96 -28.25
C LYS C 247 32.39 -1.45 -27.31
N ALA C 248 33.19 -0.48 -27.76
CA ALA C 248 34.26 0.06 -26.93
C ALA C 248 33.73 0.77 -25.68
N LYS C 249 32.49 1.28 -25.75
CA LYS C 249 31.86 1.93 -24.60
C LYS C 249 30.94 0.96 -23.84
N ASN C 250 30.94 -0.30 -24.24
CA ASN C 250 30.19 -1.37 -23.53
C ASN C 250 28.68 -1.12 -23.45
N TRP C 251 28.14 -0.55 -24.51
CA TRP C 251 26.71 -0.40 -24.60
C TRP C 251 26.05 -1.78 -24.63
N VAL C 252 25.04 -1.95 -23.78
CA VAL C 252 24.20 -3.17 -23.78
C VAL C 252 22.72 -2.80 -23.51
N PRO C 253 21.77 -3.72 -23.80
CA PRO C 253 20.38 -3.43 -23.48
C PRO C 253 20.12 -3.54 -21.98
N GLY C 254 19.05 -2.91 -21.55
CA GLY C 254 18.65 -3.01 -20.12
C GLY C 254 17.23 -2.58 -19.97
N GLY C 255 16.47 -3.30 -19.13
CA GLY C 255 15.08 -2.94 -18.86
C GLY C 255 14.22 -4.18 -18.65
N TYR C 256 12.91 -4.03 -18.74
CA TYR C 256 11.96 -5.10 -18.47
C TYR C 256 11.21 -5.40 -19.75
N ASN C 257 10.11 -4.69 -20.01
CA ASN C 257 9.47 -4.73 -21.34
C ASN C 257 10.26 -3.80 -22.26
N LEU C 258 11.47 -4.22 -22.62
CA LEU C 258 12.49 -3.26 -23.07
C LEU C 258 12.60 -3.04 -24.58
N VAL C 259 11.77 -3.74 -25.36
CA VAL C 259 11.80 -3.64 -26.82
C VAL C 259 10.42 -3.46 -27.44
N GLY C 260 10.40 -3.00 -28.70
CA GLY C 260 9.19 -2.86 -29.45
C GLY C 260 9.51 -2.84 -30.94
N LEU C 261 8.48 -3.11 -31.72
CA LEU C 261 8.58 -3.14 -33.19
C LEU C 261 7.48 -2.29 -33.82
N HIS C 262 7.89 -1.41 -34.74
CA HIS C 262 6.97 -0.69 -35.60
C HIS C 262 6.92 -1.51 -36.89
N ARG C 263 5.80 -2.19 -37.08
CA ARG C 263 5.70 -3.26 -38.08
C ARG C 263 5.81 -2.76 -39.51
N ALA C 264 5.16 -1.64 -39.78
CA ALA C 264 5.16 -1.06 -41.14
C ALA C 264 6.57 -0.75 -41.64
N SER C 265 7.44 -0.28 -40.75
CA SER C 265 8.76 0.18 -41.11
C SER C 265 9.85 -0.83 -40.79
N GLY C 266 9.53 -1.80 -39.93
CA GLY C 266 10.55 -2.73 -39.47
C GLY C 266 11.55 -2.19 -38.46
N ARG C 267 11.25 -1.02 -37.89
CA ARG C 267 12.09 -0.40 -36.87
C ARG C 267 11.87 -1.09 -35.52
N MET C 268 12.98 -1.48 -34.90
CA MET C 268 12.95 -2.03 -33.54
C MET C 268 13.52 -1.02 -32.59
N TYR C 269 12.81 -0.86 -31.46
CA TYR C 269 13.19 0.08 -30.40
C TYR C 269 13.71 -0.70 -29.20
N VAL C 270 14.84 -0.26 -28.67
CA VAL C 270 15.52 -0.95 -27.57
C VAL C 270 16.14 0.02 -26.55
N PHE C 271 15.88 -0.22 -25.27
CA PHE C 271 16.52 0.55 -24.22
C PHE C 271 17.95 0.10 -24.02
N MET C 272 18.89 1.05 -23.98
CA MET C 272 20.31 0.79 -23.90
C MET C 272 21.00 1.61 -22.83
N HIS C 273 22.11 1.09 -22.27
CA HIS C 273 22.96 1.86 -21.38
C HIS C 273 24.43 1.52 -21.60
N PRO C 274 25.36 2.47 -21.32
CA PRO C 274 26.79 2.21 -21.45
C PRO C 274 27.33 1.47 -20.24
N ASP C 275 28.61 1.10 -20.30
CA ASP C 275 29.29 0.47 -19.19
C ASP C 275 28.57 -0.80 -18.70
N GLY C 276 28.08 -1.57 -19.65
CA GLY C 276 27.47 -2.84 -19.36
C GLY C 276 28.49 -3.82 -18.80
N LYS C 277 28.03 -4.61 -17.85
CA LYS C 277 28.79 -5.70 -17.27
C LYS C 277 27.80 -6.62 -16.59
N GLU C 278 28.28 -7.73 -16.04
CA GLU C 278 27.39 -8.62 -15.33
C GLU C 278 26.60 -7.88 -14.26
N GLY C 279 25.29 -8.00 -14.36
CA GLY C 279 24.38 -7.43 -13.37
C GLY C 279 23.69 -6.14 -13.77
N THR C 280 23.90 -5.65 -15.01
CA THR C 280 23.30 -4.37 -15.43
C THR C 280 22.11 -4.51 -16.37
N HIS C 281 21.60 -5.74 -16.53
CA HIS C 281 20.53 -5.99 -17.49
C HIS C 281 19.15 -5.38 -17.21
N LYS C 282 18.96 -4.87 -15.99
CA LYS C 282 17.71 -4.22 -15.64
C LYS C 282 17.92 -2.71 -15.37
N PHE C 283 19.08 -2.17 -15.76
CA PHE C 283 19.36 -0.75 -15.58
C PHE C 283 18.44 0.09 -16.46
N PRO C 284 18.02 1.25 -15.94
CA PRO C 284 17.25 2.18 -16.75
C PRO C 284 18.01 2.62 -18.01
N ALA C 285 17.24 3.04 -19.01
CA ALA C 285 17.78 3.44 -20.30
C ALA C 285 18.57 4.75 -20.22
N ALA C 286 19.82 4.73 -20.66
CA ALA C 286 20.54 5.99 -20.93
C ALA C 286 20.02 6.54 -22.26
N GLU C 287 19.76 5.62 -23.20
CA GLU C 287 19.24 5.96 -24.54
C GLU C 287 18.22 4.95 -25.04
N ILE C 288 17.35 5.39 -25.94
CA ILE C 288 16.54 4.50 -26.77
C ILE C 288 17.25 4.43 -28.10
N TRP C 289 17.53 3.21 -28.58
CA TRP C 289 18.07 3.01 -29.95
C TRP C 289 16.98 2.53 -30.87
N VAL C 290 17.08 2.92 -32.13
CA VAL C 290 16.07 2.57 -33.11
C VAL C 290 16.86 1.86 -34.20
N MET C 291 16.51 0.61 -34.44
CA MET C 291 17.21 -0.26 -35.36
C MET C 291 16.33 -0.57 -36.53
N ASP C 292 16.91 -0.56 -37.73
CA ASP C 292 16.23 -1.03 -38.91
C ASP C 292 16.53 -2.53 -38.97
N THR C 293 15.52 -3.38 -38.77
CA THR C 293 15.78 -4.82 -38.65
C THR C 293 16.09 -5.48 -40.00
N LYS C 294 15.76 -4.80 -41.10
CA LYS C 294 16.11 -5.28 -42.44
C LYS C 294 17.57 -4.98 -42.79
N THR C 295 18.01 -3.74 -42.57
CA THR C 295 19.39 -3.35 -42.86
C THR C 295 20.35 -3.68 -41.73
N LYS C 296 19.77 -4.05 -40.58
CA LYS C 296 20.53 -4.33 -39.35
C LYS C 296 21.43 -3.19 -38.87
N GLN C 297 21.00 -1.95 -39.14
CA GLN C 297 21.72 -0.75 -38.77
C GLN C 297 20.89 0.11 -37.80
N ARG C 298 21.57 0.83 -36.93
CA ARG C 298 20.90 1.81 -36.06
C ARG C 298 20.56 3.05 -36.87
N VAL C 299 19.32 3.47 -36.80
CA VAL C 299 18.87 4.66 -37.52
C VAL C 299 18.67 5.87 -36.62
N ALA C 300 18.62 5.67 -35.29
CA ALA C 300 18.54 6.80 -34.35
C ALA C 300 18.93 6.42 -32.94
N ARG C 301 19.32 7.42 -32.15
CA ARG C 301 19.53 7.23 -30.73
C ARG C 301 19.10 8.50 -30.03
N ILE C 302 18.30 8.37 -28.97
CA ILE C 302 17.79 9.53 -28.25
C ILE C 302 17.87 9.29 -26.76
N PRO C 303 17.82 10.36 -25.95
CA PRO C 303 17.83 10.16 -24.51
C PRO C 303 16.73 9.21 -24.02
N GLY C 304 17.11 8.38 -23.06
CA GLY C 304 16.21 7.35 -22.54
C GLY C 304 15.28 7.78 -21.42
N ARG C 305 15.56 8.92 -20.80
CA ARG C 305 14.76 9.39 -19.65
C ARG C 305 14.59 8.30 -18.59
N ASP C 306 15.64 7.52 -18.37
CA ASP C 306 15.62 6.45 -17.37
C ASP C 306 14.47 5.43 -17.53
N ALA C 307 14.01 5.23 -18.76
CA ALA C 307 12.87 4.31 -19.00
C ALA C 307 13.31 2.87 -18.82
N LEU C 308 12.33 2.06 -18.41
CA LEU C 308 12.51 0.63 -18.13
C LEU C 308 11.63 -0.25 -19.01
N SER C 309 10.45 0.25 -19.35
CA SER C 309 9.47 -0.46 -20.18
C SER C 309 8.84 0.43 -21.24
N MET C 310 8.32 -0.19 -22.29
CA MET C 310 7.72 0.50 -23.42
C MET C 310 6.61 -0.33 -24.00
N THR C 311 5.87 0.31 -24.90
CA THR C 311 4.92 -0.36 -25.76
C THR C 311 4.70 0.51 -27.01
N ILE C 312 4.24 -0.14 -28.08
CA ILE C 312 4.04 0.52 -29.38
C ILE C 312 2.58 0.44 -29.82
N ASP C 313 2.08 1.54 -30.42
CA ASP C 313 0.82 1.52 -31.15
C ASP C 313 1.11 1.65 -32.64
N GLN C 314 0.70 0.65 -33.40
CA GLN C 314 1.02 0.60 -34.84
C GLN C 314 0.32 1.72 -35.63
N GLN C 315 -1.00 1.79 -35.46
CA GLN C 315 -1.86 2.64 -36.29
C GLN C 315 -1.58 4.12 -36.10
N ARG C 316 -1.34 4.54 -34.86
CA ARG C 316 -1.02 5.94 -34.59
C ARG C 316 0.47 6.26 -34.58
N ASN C 317 1.31 5.27 -34.86
CA ASN C 317 2.76 5.42 -34.89
C ASN C 317 3.29 6.04 -33.59
N LEU C 318 3.00 5.36 -32.48
CA LEU C 318 3.32 5.89 -31.17
C LEU C 318 4.15 4.88 -30.38
N MET C 319 5.04 5.40 -29.55
CA MET C 319 5.76 4.59 -28.54
C MET C 319 5.52 5.24 -27.19
N LEU C 320 5.17 4.45 -26.18
CA LEU C 320 5.16 4.92 -24.80
C LEU C 320 6.35 4.34 -24.07
N THR C 321 6.99 5.13 -23.21
CA THR C 321 8.04 4.61 -22.32
C THR C 321 7.66 4.95 -20.89
N LEU C 322 8.23 4.19 -19.95
CA LEU C 322 7.79 4.23 -18.57
C LEU C 322 8.99 4.00 -17.68
N ASP C 323 9.24 4.90 -16.72
CA ASP C 323 10.43 4.81 -15.87
C ASP C 323 10.12 4.24 -14.47
N GLY C 324 8.89 3.75 -14.29
CA GLY C 324 8.43 3.26 -13.00
C GLY C 324 7.30 4.11 -12.46
N GLY C 325 7.33 5.41 -12.80
CA GLY C 325 6.30 6.34 -12.31
C GLY C 325 5.72 7.30 -13.32
N ASN C 326 6.51 7.62 -14.35
CA ASN C 326 6.13 8.59 -15.37
C ASN C 326 6.09 7.93 -16.73
N VAL C 327 5.13 8.35 -17.55
CA VAL C 327 4.92 7.78 -18.90
C VAL C 327 5.27 8.87 -19.91
N ASN C 328 6.15 8.53 -20.87
CA ASN C 328 6.55 9.45 -21.97
C ASN C 328 5.88 9.00 -23.25
N VAL C 329 5.35 9.96 -24.02
CA VAL C 329 4.69 9.65 -25.29
C VAL C 329 5.54 10.15 -26.46
N TYR C 330 5.86 9.26 -27.41
CA TYR C 330 6.69 9.57 -28.59
C TYR C 330 5.93 9.33 -29.87
N ASP C 331 6.13 10.25 -30.81
CA ASP C 331 5.77 10.09 -32.21
C ASP C 331 6.92 9.34 -32.86
N ILE C 332 6.62 8.14 -33.40
CA ILE C 332 7.61 7.33 -34.09
C ILE C 332 7.34 7.13 -35.59
N SER C 333 6.64 8.11 -36.19
CA SER C 333 6.32 8.10 -37.62
C SER C 333 7.57 8.25 -38.51
N GLN C 334 8.60 8.92 -37.99
CA GLN C 334 9.90 8.99 -38.65
C GLN C 334 10.95 8.22 -37.86
N PRO C 335 12.09 7.88 -38.49
CA PRO C 335 13.17 7.15 -37.80
C PRO C 335 13.61 7.71 -36.44
N GLU C 336 13.76 9.03 -36.34
CA GLU C 336 14.05 9.69 -35.06
C GLU C 336 12.73 9.93 -34.32
N PRO C 337 12.57 9.35 -33.12
CA PRO C 337 11.34 9.66 -32.39
C PRO C 337 11.30 11.10 -31.89
N LYS C 338 10.10 11.62 -31.74
CA LYS C 338 9.87 12.94 -31.16
C LYS C 338 9.03 12.79 -29.89
N LEU C 339 9.53 13.37 -28.80
CA LEU C 339 8.80 13.37 -27.52
C LEU C 339 7.65 14.37 -27.53
N LEU C 340 6.45 13.89 -27.27
CA LEU C 340 5.24 14.71 -27.31
C LEU C 340 4.84 15.21 -25.93
N ARG C 341 5.02 14.38 -24.92
CA ARG C 341 4.68 14.81 -23.58
C ARG C 341 5.06 13.74 -22.58
N THR C 342 5.02 14.16 -21.32
CA THR C 342 5.30 13.25 -20.21
C THR C 342 4.15 13.36 -19.23
N ILE C 343 3.65 12.19 -18.80
CA ILE C 343 2.59 12.10 -17.81
C ILE C 343 3.27 11.79 -16.48
N GLU C 344 3.41 12.81 -15.62
CA GLU C 344 4.11 12.65 -14.35
C GLU C 344 3.23 11.96 -13.33
N GLY C 345 3.80 11.03 -12.56
CA GLY C 345 3.07 10.40 -11.46
C GLY C 345 1.92 9.51 -11.86
N ALA C 346 2.08 8.80 -12.98
CA ALA C 346 1.08 7.87 -13.47
C ALA C 346 1.02 6.61 -12.62
N ALA C 347 2.08 6.36 -11.86
CA ALA C 347 2.16 5.20 -10.97
C ALA C 347 3.23 5.40 -9.94
N GLU C 348 3.20 4.59 -8.88
CA GLU C 348 4.29 4.51 -7.95
C GLU C 348 5.36 3.47 -8.29
N ALA C 349 4.93 2.34 -8.86
CA ALA C 349 5.86 1.26 -9.20
C ALA C 349 5.26 0.43 -10.33
N SER C 350 5.33 0.99 -11.53
CA SER C 350 4.83 0.29 -12.73
C SER C 350 5.94 -0.04 -13.70
N LEU C 351 5.93 -1.28 -14.20
CA LEU C 351 6.87 -1.71 -15.24
C LEU C 351 6.11 -2.13 -16.50
N GLN C 352 4.84 -1.75 -16.61
CA GLN C 352 4.06 -2.09 -17.80
C GLN C 352 3.00 -1.06 -18.13
N VAL C 353 3.02 -0.61 -19.39
CA VAL C 353 1.98 0.24 -19.95
C VAL C 353 1.49 -0.34 -21.28
N GLN C 354 0.19 -0.22 -21.54
CA GLN C 354 -0.43 -0.78 -22.74
C GLN C 354 -1.48 0.17 -23.32
N PHE C 355 -1.57 0.21 -24.64
CA PHE C 355 -2.65 0.92 -25.31
C PHE C 355 -3.96 0.12 -25.33
N HIS C 356 -5.07 0.84 -25.28
CA HIS C 356 -6.32 0.25 -25.66
C HIS C 356 -6.24 -0.12 -27.13
N PRO C 357 -6.67 -1.36 -27.49
CA PRO C 357 -6.68 -1.72 -28.91
C PRO C 357 -7.70 -0.94 -29.72
N VAL C 358 -7.29 -0.57 -30.93
CA VAL C 358 -8.15 0.14 -31.85
C VAL C 358 -8.27 -0.65 -33.17
N ARG D 1 25.06 -25.07 4.37
CA ARG D 1 25.92 -24.43 5.41
C ARG D 1 25.08 -23.65 6.42
N GLU D 2 24.13 -22.86 5.90
CA GLU D 2 23.16 -22.16 6.74
C GLU D 2 21.76 -22.54 6.34
N VAL D 3 20.82 -22.38 7.25
CA VAL D 3 19.42 -22.65 6.99
C VAL D 3 18.62 -21.49 7.60
N LEU D 4 17.69 -20.95 6.82
CA LEU D 4 16.76 -19.92 7.29
C LEU D 4 15.76 -20.51 8.30
N THR D 5 15.60 -19.82 9.44
CA THR D 5 14.61 -20.20 10.43
C THR D 5 13.60 -19.08 10.74
N GLY D 6 12.38 -19.50 11.07
CA GLY D 6 11.34 -18.64 11.67
C GLY D 6 11.03 -19.07 13.12
N GLY D 7 9.89 -18.63 13.62
CA GLY D 7 9.45 -18.96 14.99
C GLY D 7 10.08 -18.08 16.05
N HIS D 8 10.69 -16.98 15.63
CA HIS D 8 11.48 -16.17 16.53
C HIS D 8 10.65 -15.11 17.21
N SER D 9 11.13 -14.67 18.35
CA SER D 9 10.44 -13.64 19.11
C SER D 9 11.12 -12.31 18.87
N VAL D 10 10.42 -11.23 19.24
CA VAL D 10 10.95 -9.88 19.16
C VAL D 10 12.26 -9.78 19.93
N SER D 11 13.24 -9.15 19.32
CA SER D 11 14.63 -9.20 19.82
C SER D 11 14.85 -8.39 21.09
N ALA D 12 14.13 -7.27 21.22
CA ALA D 12 14.30 -6.36 22.34
C ALA D 12 13.26 -6.59 23.42
N PRO D 13 13.61 -6.34 24.69
CA PRO D 13 12.65 -6.60 25.77
C PRO D 13 11.40 -5.75 25.61
N GLN D 14 10.29 -6.22 26.17
CA GLN D 14 9.01 -5.48 26.13
C GLN D 14 9.14 -4.03 26.58
N GLU D 15 9.96 -3.79 27.60
CA GLU D 15 10.11 -2.44 28.11
C GLU D 15 10.70 -1.42 27.12
N ASN D 16 11.25 -1.90 26.00
CA ASN D 16 11.84 -1.05 24.98
C ASN D 16 10.87 -0.72 23.84
N ARG D 17 9.69 -1.34 23.85
CA ARG D 17 8.85 -1.42 22.64
C ARG D 17 7.79 -0.35 22.60
N ILE D 18 7.63 0.21 21.40
CA ILE D 18 6.54 1.11 21.05
C ILE D 18 5.86 0.62 19.76
N TYR D 19 4.61 1.08 19.57
CA TYR D 19 3.72 0.62 18.50
C TYR D 19 3.25 1.84 17.72
N VAL D 20 3.65 1.90 16.46
CA VAL D 20 3.30 3.01 15.58
C VAL D 20 2.23 2.50 14.63
N MET D 21 1.03 3.04 14.74
CA MET D 21 -0.09 2.58 13.91
C MET D 21 -0.06 3.30 12.57
N ASP D 22 0.40 2.61 11.51
CA ASP D 22 0.53 3.25 10.19
C ASP D 22 -0.72 2.99 9.40
N SER D 23 -1.52 4.04 9.21
CA SER D 23 -2.76 3.88 8.44
C SER D 23 -2.47 3.63 6.97
N VAL D 24 -1.32 4.09 6.49
CA VAL D 24 -0.98 3.96 5.05
C VAL D 24 -2.20 4.47 4.24
N PHE D 25 -2.63 5.68 4.54
CA PHE D 25 -3.86 6.21 3.95
C PHE D 25 -3.88 6.13 2.41
N MET D 26 -2.74 6.35 1.80
CA MET D 26 -2.66 6.25 0.31
C MET D 26 -2.98 4.85 -0.20
N HIS D 27 -2.76 3.85 0.66
CA HIS D 27 -3.12 2.45 0.38
C HIS D 27 -3.70 1.81 1.63
N LEU D 28 -4.88 2.33 2.01
CA LEU D 28 -5.47 2.13 3.30
C LEU D 28 -5.87 0.69 3.57
N THR D 29 -5.95 -0.13 2.51
CA THR D 29 -6.22 -1.57 2.68
C THR D 29 -4.99 -2.34 3.19
N GLU D 30 -3.85 -1.68 3.32
CA GLU D 30 -2.62 -2.32 3.80
C GLU D 30 -2.01 -1.55 4.98
N SER D 31 -2.87 -1.07 5.86
CA SER D 31 -2.44 -0.51 7.13
C SER D 31 -1.72 -1.61 7.93
N ARG D 32 -0.92 -1.16 8.89
CA ARG D 32 -0.15 -2.06 9.72
C ARG D 32 0.38 -1.35 10.96
N VAL D 33 0.74 -2.16 11.95
CA VAL D 33 1.43 -1.68 13.13
C VAL D 33 2.92 -1.92 12.99
N HIS D 34 3.72 -0.88 13.15
CA HIS D 34 5.19 -1.03 13.17
C HIS D 34 5.64 -1.03 14.62
N VAL D 35 6.47 -2.02 14.97
CA VAL D 35 6.97 -2.15 16.34
C VAL D 35 8.42 -1.69 16.34
N TYR D 36 8.75 -0.74 17.21
CA TYR D 36 10.07 -0.11 17.27
C TYR D 36 10.63 -0.21 18.68
N ASP D 37 11.97 -0.15 18.78
CA ASP D 37 12.66 0.01 20.05
C ASP D 37 12.93 1.51 20.22
N TYR D 38 12.32 2.16 21.22
CA TYR D 38 12.40 3.64 21.34
C TYR D 38 13.79 4.07 21.82
N THR D 39 14.56 3.13 22.37
CA THR D 39 15.88 3.44 22.93
C THR D 39 16.90 3.65 21.85
N ASN D 40 16.72 2.99 20.69
CA ASN D 40 17.69 3.08 19.61
C ASN D 40 17.14 3.20 18.21
N GLY D 41 15.81 3.23 18.06
CA GLY D 41 15.19 3.39 16.76
C GLY D 41 15.13 2.13 15.91
N LYS D 42 15.50 0.99 16.46
CA LYS D 42 15.48 -0.27 15.70
C LYS D 42 14.06 -0.76 15.39
N PHE D 43 13.84 -1.13 14.14
CA PHE D 43 12.59 -1.76 13.70
C PHE D 43 12.59 -3.21 14.17
N LEU D 44 11.58 -3.57 14.95
CA LEU D 44 11.50 -4.89 15.57
C LEU D 44 10.56 -5.89 14.88
N GLY D 45 9.56 -5.38 14.15
CA GLY D 45 8.58 -6.24 13.54
C GLY D 45 7.32 -5.46 13.22
N MET D 46 6.29 -6.15 12.76
CA MET D 46 5.05 -5.48 12.38
C MET D 46 3.90 -6.46 12.41
N VAL D 47 2.70 -5.91 12.47
CA VAL D 47 1.46 -6.67 12.42
C VAL D 47 0.56 -6.10 11.33
N PRO D 48 0.22 -6.92 10.33
CA PRO D 48 -0.68 -6.40 9.28
C PRO D 48 -2.08 -6.19 9.78
N THR D 49 -2.73 -5.09 9.38
CA THR D 49 -4.07 -4.78 9.85
C THR D 49 -5.05 -4.37 8.77
N ALA D 50 -4.84 -4.84 7.54
CA ALA D 50 -5.89 -4.74 6.51
C ALA D 50 -6.42 -3.30 6.38
N PHE D 51 -7.74 -3.11 6.20
CA PHE D 51 -8.28 -1.78 5.97
C PHE D 51 -8.43 -0.98 7.25
N ASN D 52 -7.69 0.12 7.36
CA ASN D 52 -7.83 1.04 8.48
C ASN D 52 -7.81 0.32 9.82
N GLY D 53 -6.72 -0.37 10.10
CA GLY D 53 -6.60 -1.05 11.38
C GLY D 53 -6.52 -0.09 12.56
N HIS D 54 -6.97 -0.56 13.70
CA HIS D 54 -6.69 0.08 14.99
C HIS D 54 -5.96 -0.94 15.88
N VAL D 55 -5.27 -0.48 16.90
CA VAL D 55 -4.43 -1.34 17.73
C VAL D 55 -4.34 -0.87 19.17
N GLN D 56 -4.22 -1.83 20.08
CA GLN D 56 -3.81 -1.55 21.45
C GLN D 56 -3.08 -2.78 21.98
N VAL D 57 -2.39 -2.58 23.07
CA VAL D 57 -1.70 -3.67 23.78
C VAL D 57 -2.53 -4.08 25.02
N SER D 58 -2.64 -5.39 25.26
CA SER D 58 -3.40 -5.87 26.40
C SER D 58 -2.80 -5.26 27.66
N ASN D 59 -3.62 -4.97 28.67
CA ASN D 59 -3.08 -4.31 29.87
C ASN D 59 -1.99 -5.13 30.57
N ASP D 60 -2.08 -6.46 30.49
CA ASP D 60 -1.06 -7.36 31.06
C ASP D 60 0.21 -7.49 30.22
N GLY D 61 0.25 -6.83 29.07
CA GLY D 61 1.46 -6.83 28.24
C GLY D 61 1.77 -8.08 27.43
N LYS D 62 0.88 -9.06 27.45
CA LYS D 62 1.11 -10.32 26.78
C LYS D 62 0.65 -10.37 25.32
N LYS D 63 -0.38 -9.57 24.98
CA LYS D 63 -1.05 -9.67 23.68
C LYS D 63 -1.22 -8.32 23.02
N ILE D 64 -1.27 -8.33 21.69
CA ILE D 64 -1.65 -7.16 20.91
C ILE D 64 -3.05 -7.40 20.39
N TYR D 65 -3.90 -6.40 20.52
CA TYR D 65 -5.23 -6.45 19.98
C TYR D 65 -5.32 -5.53 18.78
N THR D 66 -5.86 -6.03 17.67
CA THR D 66 -6.16 -5.18 16.53
C THR D 66 -7.65 -5.22 16.23
N MET D 67 -8.09 -4.24 15.47
CA MET D 67 -9.45 -4.16 14.98
C MET D 67 -9.35 -3.77 13.52
N THR D 68 -10.09 -4.50 12.67
CA THR D 68 -10.01 -4.23 11.24
C THR D 68 -11.24 -4.73 10.50
N THR D 69 -11.27 -4.46 9.19
CA THR D 69 -12.35 -4.84 8.31
C THR D 69 -11.75 -5.58 7.13
N TYR D 70 -12.34 -6.73 6.83
CA TYR D 70 -12.02 -7.53 5.64
C TYR D 70 -13.27 -7.62 4.74
N HIS D 71 -13.04 -7.87 3.46
CA HIS D 71 -14.10 -8.33 2.54
C HIS D 71 -13.57 -9.51 1.73
N GLU D 72 -14.46 -10.44 1.38
CA GLU D 72 -14.07 -11.66 0.65
C GLU D 72 -13.20 -11.35 -0.56
N ARG D 73 -13.50 -10.25 -1.26
CA ARG D 73 -12.73 -9.84 -2.42
C ARG D 73 -12.25 -8.37 -2.33
N ILE D 74 -12.02 -7.94 -1.08
CA ILE D 74 -11.46 -6.63 -0.71
C ILE D 74 -12.38 -5.46 -1.02
N THR D 75 -12.63 -5.25 -2.33
CA THR D 75 -13.48 -4.17 -2.82
C THR D 75 -14.91 -4.63 -3.19
N ARG D 76 -15.17 -5.93 -2.99
CA ARG D 76 -16.50 -6.51 -3.13
C ARG D 76 -16.58 -7.74 -2.23
N GLY D 77 -17.76 -8.33 -2.10
CA GLY D 77 -17.93 -9.51 -1.25
C GLY D 77 -18.29 -9.16 0.18
N LYS D 78 -18.54 -10.22 0.95
CA LYS D 78 -19.02 -10.05 2.31
C LYS D 78 -17.98 -9.38 3.19
N ARG D 79 -18.49 -8.48 4.03
CA ARG D 79 -17.73 -7.76 5.04
C ARG D 79 -17.59 -8.56 6.32
N SER D 80 -16.37 -8.54 6.88
CA SER D 80 -16.12 -9.08 8.22
C SER D 80 -15.35 -8.06 9.04
N ASP D 81 -16.02 -7.49 10.03
CA ASP D 81 -15.34 -6.68 11.03
C ASP D 81 -14.90 -7.61 12.15
N VAL D 82 -13.65 -7.44 12.61
CA VAL D 82 -13.11 -8.30 13.65
C VAL D 82 -12.21 -7.53 14.64
N VAL D 83 -12.04 -8.14 15.81
CA VAL D 83 -10.89 -7.93 16.68
C VAL D 83 -9.99 -9.14 16.52
N GLU D 84 -8.68 -8.93 16.41
CA GLU D 84 -7.71 -10.04 16.40
C GLU D 84 -6.83 -9.94 17.61
N VAL D 85 -6.48 -11.10 18.15
CA VAL D 85 -5.53 -11.24 19.23
C VAL D 85 -4.27 -11.85 18.68
N TRP D 86 -3.17 -11.15 18.88
CA TRP D 86 -1.85 -11.55 18.44
C TRP D 86 -0.92 -11.69 19.64
N ASP D 87 0.02 -12.64 19.60
CA ASP D 87 1.01 -12.72 20.64
C ASP D 87 1.98 -11.55 20.55
N ALA D 88 2.20 -10.86 21.66
CA ALA D 88 3.11 -9.72 21.65
C ALA D 88 4.59 -10.06 21.33
N ASP D 89 5.08 -11.21 21.79
CA ASP D 89 6.47 -11.51 21.59
C ASP D 89 6.74 -12.19 20.23
N LYS D 90 5.84 -13.09 19.82
CA LYS D 90 6.02 -13.80 18.54
C LYS D 90 5.45 -13.01 17.36
N LEU D 91 4.61 -12.01 17.64
CA LEU D 91 3.88 -11.22 16.59
C LEU D 91 3.18 -12.14 15.59
N THR D 92 2.45 -13.11 16.15
CA THR D 92 1.68 -14.09 15.42
C THR D 92 0.21 -13.97 15.75
N PHE D 93 -0.63 -14.27 14.77
CA PHE D 93 -2.05 -14.31 14.93
C PHE D 93 -2.46 -15.49 15.80
N GLU D 94 -3.33 -15.21 16.77
CA GLU D 94 -3.89 -16.28 17.60
C GLU D 94 -5.37 -16.53 17.40
N LYS D 95 -6.20 -15.49 17.50
CA LYS D 95 -7.64 -15.63 17.46
C LYS D 95 -8.30 -14.43 16.78
N GLU D 96 -9.44 -14.68 16.16
CA GLU D 96 -10.32 -13.66 15.62
C GLU D 96 -11.64 -13.65 16.41
N ILE D 97 -12.14 -12.46 16.75
CA ILE D 97 -13.40 -12.27 17.43
C ILE D 97 -14.29 -11.47 16.50
N SER D 98 -15.44 -12.03 16.15
CA SER D 98 -16.34 -11.40 15.22
C SER D 98 -17.05 -10.25 15.84
N LEU D 99 -17.20 -9.19 15.05
CA LEU D 99 -17.95 -8.01 15.44
C LEU D 99 -19.13 -7.82 14.50
N PRO D 100 -20.16 -7.10 14.94
CA PRO D 100 -21.16 -6.67 13.97
C PRO D 100 -20.50 -5.73 12.96
N PRO D 101 -20.97 -5.72 11.71
CA PRO D 101 -20.30 -4.94 10.63
C PRO D 101 -20.54 -3.43 10.68
N LYS D 102 -20.13 -2.82 11.80
CA LYS D 102 -20.30 -1.38 12.04
C LYS D 102 -19.20 -0.78 12.91
N ARG D 103 -18.08 -1.48 13.03
CA ARG D 103 -16.96 -0.92 13.80
C ARG D 103 -16.56 0.38 13.14
N VAL D 104 -16.16 1.34 13.95
CA VAL D 104 -15.75 2.65 13.42
C VAL D 104 -14.59 2.55 12.42
N GLN D 105 -14.79 3.14 11.25
CA GLN D 105 -13.71 3.32 10.29
C GLN D 105 -13.33 4.80 10.34
N GLY D 106 -12.13 5.07 10.85
CA GLY D 106 -11.68 6.42 11.02
C GLY D 106 -10.27 6.48 11.50
N LEU D 107 -9.79 7.72 11.61
CA LEU D 107 -8.43 7.99 12.06
C LEU D 107 -8.23 7.50 13.50
N ASN D 108 -6.98 7.18 13.83
CA ASN D 108 -6.63 6.42 15.02
C ASN D 108 -6.54 7.26 16.31
N TYR D 109 -7.63 7.91 16.70
CA TYR D 109 -7.75 8.43 18.06
C TYR D 109 -7.75 7.27 19.04
N ASP D 110 -7.04 7.42 20.16
CA ASP D 110 -6.97 6.38 21.20
C ASP D 110 -8.36 5.89 21.57
N GLY D 111 -9.31 6.82 21.72
CA GLY D 111 -10.61 6.53 22.33
C GLY D 111 -11.59 5.74 21.50
N LEU D 112 -11.17 5.35 20.29
CA LEU D 112 -11.99 4.50 19.45
C LEU D 112 -11.83 2.99 19.71
N PHE D 113 -10.77 2.62 20.40
CA PHE D 113 -10.46 1.20 20.63
C PHE D 113 -9.68 1.11 21.91
N ARG D 114 -10.35 0.71 23.00
CA ARG D 114 -9.79 0.79 24.37
C ARG D 114 -10.10 -0.50 25.12
N GLN D 115 -9.79 -0.54 26.41
CA GLN D 115 -10.17 -1.63 27.27
C GLN D 115 -10.51 -1.11 28.63
N THR D 116 -11.30 -1.89 29.34
CA THR D 116 -11.55 -1.57 30.72
C THR D 116 -10.25 -1.68 31.52
N THR D 117 -10.21 -1.01 32.68
CA THR D 117 -8.97 -0.97 33.43
C THR D 117 -8.51 -2.35 33.92
N ASP D 118 -9.46 -3.25 34.18
CA ASP D 118 -9.15 -4.58 34.62
C ASP D 118 -8.73 -5.50 33.47
N GLY D 119 -8.78 -4.97 32.24
CA GLY D 119 -8.33 -5.70 31.05
C GLY D 119 -9.24 -6.83 30.61
N LYS D 120 -10.40 -6.95 31.23
CA LYS D 120 -11.30 -8.05 30.92
C LYS D 120 -12.23 -7.78 29.74
N PHE D 121 -12.40 -6.51 29.36
CA PHE D 121 -13.26 -6.15 28.22
C PHE D 121 -12.56 -5.16 27.30
N ILE D 122 -12.69 -5.44 26.01
CA ILE D 122 -12.31 -4.52 24.96
C ILE D 122 -13.54 -3.68 24.66
N VAL D 123 -13.34 -2.38 24.55
CA VAL D 123 -14.43 -1.43 24.40
C VAL D 123 -14.13 -0.58 23.20
N LEU D 124 -15.03 -0.63 22.22
CA LEU D 124 -14.80 0.00 20.92
C LEU D 124 -15.97 0.84 20.43
N GLN D 125 -15.67 1.80 19.58
CA GLN D 125 -16.68 2.64 19.01
C GLN D 125 -17.29 2.02 17.74
N ASN D 126 -18.62 1.96 17.69
CA ASN D 126 -19.36 1.60 16.46
C ASN D 126 -19.99 2.82 15.80
N ALA D 127 -20.20 2.75 14.49
CA ALA D 127 -20.94 3.78 13.77
C ALA D 127 -21.59 3.11 12.58
N SER D 128 -22.91 3.17 12.49
CA SER D 128 -23.66 2.50 11.43
C SER D 128 -24.37 3.35 10.34
N PRO D 129 -24.60 4.67 10.52
CA PRO D 129 -23.76 5.62 11.24
C PRO D 129 -24.27 6.01 12.61
N ALA D 130 -25.42 5.47 13.02
CA ALA D 130 -25.87 5.64 14.40
C ALA D 130 -24.76 5.07 15.31
N THR D 131 -24.43 5.79 16.39
CA THR D 131 -23.31 5.40 17.25
C THR D 131 -23.74 4.55 18.43
N SER D 132 -22.90 3.59 18.77
CA SER D 132 -23.03 2.80 19.98
C SER D 132 -21.64 2.34 20.35
N ILE D 133 -21.49 1.87 21.56
CA ILE D 133 -20.22 1.31 22.00
C ILE D 133 -20.34 -0.20 22.06
N GLY D 134 -19.36 -0.91 21.50
CA GLY D 134 -19.32 -2.37 21.51
C GLY D 134 -18.41 -2.91 22.60
N ILE D 135 -18.82 -4.02 23.22
CA ILE D 135 -18.11 -4.66 24.29
C ILE D 135 -17.69 -6.06 23.87
N VAL D 136 -16.41 -6.36 23.99
CA VAL D 136 -15.86 -7.67 23.68
C VAL D 136 -15.31 -8.27 24.97
N ASP D 137 -15.78 -9.46 25.31
CA ASP D 137 -15.32 -10.18 26.46
C ASP D 137 -14.07 -10.96 26.09
N VAL D 138 -12.95 -10.57 26.69
CA VAL D 138 -11.64 -11.13 26.34
C VAL D 138 -11.57 -12.62 26.74
N ALA D 139 -12.01 -12.95 27.95
CA ALA D 139 -12.00 -14.36 28.37
C ALA D 139 -12.81 -15.26 27.43
N LYS D 140 -13.98 -14.81 27.00
CA LYS D 140 -14.87 -15.62 26.14
C LYS D 140 -14.45 -15.57 24.69
N GLY D 141 -13.78 -14.50 24.30
CA GLY D 141 -13.50 -14.27 22.89
C GLY D 141 -14.76 -14.03 22.09
N ASP D 142 -15.71 -13.30 22.65
CA ASP D 142 -16.99 -12.97 22.03
C ASP D 142 -17.39 -11.52 22.27
N TYR D 143 -18.11 -10.98 21.29
CA TYR D 143 -18.83 -9.73 21.39
C TYR D 143 -20.04 -9.96 22.30
N VAL D 144 -20.26 -9.10 23.29
CA VAL D 144 -21.26 -9.43 24.34
C VAL D 144 -22.28 -8.36 24.67
N GLU D 145 -22.21 -7.19 24.02
CA GLU D 145 -23.00 -6.03 24.45
C GLU D 145 -22.81 -4.91 23.47
N ASP D 146 -23.93 -4.33 23.04
CA ASP D 146 -23.96 -3.11 22.24
C ASP D 146 -24.58 -2.08 23.14
N VAL D 147 -23.82 -1.05 23.48
CA VAL D 147 -24.29 -0.02 24.40
C VAL D 147 -24.98 1.06 23.58
N THR D 148 -26.27 0.86 23.33
CA THR D 148 -27.05 1.79 22.53
C THR D 148 -27.37 3.08 23.30
N ALA D 149 -27.23 3.03 24.62
CA ALA D 149 -27.36 4.23 25.47
C ALA D 149 -26.39 5.34 25.06
N ALA D 150 -25.30 4.96 24.39
CA ALA D 150 -24.29 5.94 24.00
C ALA D 150 -24.57 6.57 22.63
N ALA D 151 -25.75 6.33 22.07
CA ALA D 151 -26.16 7.01 20.86
C ALA D 151 -26.01 8.52 21.00
N GLY D 152 -25.43 9.17 20.00
CA GLY D 152 -25.19 10.60 20.03
C GLY D 152 -23.93 11.00 20.78
N CYS D 153 -23.16 9.99 21.21
CA CYS D 153 -21.91 10.22 21.91
C CYS D 153 -20.75 9.67 21.08
N TRP D 154 -19.53 9.90 21.55
CA TRP D 154 -18.35 9.50 20.79
C TRP D 154 -17.13 9.30 21.66
N SER D 155 -16.48 8.18 21.44
CA SER D 155 -15.18 7.81 22.02
C SER D 155 -15.32 7.26 23.42
N VAL D 156 -14.30 6.51 23.84
CA VAL D 156 -14.30 5.76 25.07
C VAL D 156 -13.16 6.25 25.95
N ILE D 157 -13.49 6.70 27.17
CA ILE D 157 -12.50 7.10 28.14
C ILE D 157 -12.57 6.17 29.36
N PRO D 158 -11.64 5.22 29.46
CA PRO D 158 -11.74 4.34 30.62
C PRO D 158 -11.43 5.06 31.92
N GLN D 159 -12.06 4.63 33.01
CA GLN D 159 -11.79 5.21 34.34
C GLN D 159 -10.75 4.37 35.04
N PRO D 160 -9.54 4.91 35.26
CA PRO D 160 -8.48 4.07 35.84
C PRO D 160 -8.65 3.61 37.28
N ASN D 161 -9.64 4.17 37.96
CA ASN D 161 -9.92 3.86 39.38
C ASN D 161 -11.08 2.87 39.56
N ARG D 162 -11.56 2.29 38.47
CA ARG D 162 -12.61 1.27 38.52
C ARG D 162 -12.33 0.19 37.51
N PRO D 163 -12.72 -1.04 37.82
CA PRO D 163 -12.36 -2.18 36.95
C PRO D 163 -13.01 -2.22 35.60
N ARG D 164 -14.27 -1.79 35.48
CA ARG D 164 -15.02 -1.94 34.23
C ARG D 164 -16.01 -0.82 33.99
N SER D 165 -15.49 0.40 34.11
CA SER D 165 -16.23 1.61 33.91
C SER D 165 -15.51 2.49 32.89
N PHE D 166 -16.30 3.23 32.13
CA PHE D 166 -15.78 4.13 31.14
C PHE D 166 -16.78 5.22 30.87
N MET D 167 -16.29 6.28 30.26
CA MET D 167 -17.08 7.41 29.91
C MET D 167 -17.04 7.68 28.44
N THR D 168 -18.05 8.42 27.96
CA THR D 168 -18.05 8.89 26.57
C THR D 168 -18.56 10.32 26.52
N ILE D 169 -18.18 11.04 25.47
CA ILE D 169 -18.49 12.46 25.32
C ILE D 169 -19.75 12.59 24.45
N CYS D 170 -20.78 13.29 24.94
CA CYS D 170 -22.05 13.33 24.25
C CYS D 170 -22.38 14.66 23.60
N GLY D 171 -23.32 14.62 22.66
CA GLY D 171 -23.65 15.79 21.86
C GLY D 171 -24.31 16.90 22.65
N ASP D 172 -24.69 16.61 23.89
CA ASP D 172 -25.20 17.64 24.82
C ASP D 172 -24.11 18.41 25.59
N GLY D 173 -22.84 18.07 25.35
CA GLY D 173 -21.73 18.72 26.06
C GLY D 173 -21.43 18.11 27.41
N GLY D 174 -22.09 16.98 27.71
CA GLY D 174 -21.83 16.22 28.93
C GLY D 174 -21.18 14.88 28.69
N LEU D 175 -20.99 14.13 29.77
CA LEU D 175 -20.39 12.81 29.70
C LEU D 175 -21.37 11.74 30.18
N LEU D 176 -21.41 10.63 29.46
CA LEU D 176 -22.18 9.46 29.88
C LEU D 176 -21.18 8.47 30.47
N THR D 177 -21.46 7.99 31.68
CA THR D 177 -20.65 6.97 32.31
C THR D 177 -21.38 5.65 32.26
N ILE D 178 -20.64 4.59 31.90
CA ILE D 178 -21.19 3.25 31.79
C ILE D 178 -20.40 2.36 32.73
N ASN D 179 -21.11 1.67 33.62
CA ASN D 179 -20.49 0.72 34.53
C ASN D 179 -20.96 -0.66 34.12
N LEU D 180 -20.02 -1.51 33.68
CA LEU D 180 -20.38 -2.85 33.20
C LEU D 180 -20.47 -3.80 34.38
N GLY D 181 -21.34 -4.81 34.25
CA GLY D 181 -21.29 -5.96 35.13
C GLY D 181 -20.19 -6.93 34.73
N GLU D 182 -20.05 -8.01 35.50
CA GLU D 182 -19.01 -9.00 35.23
C GLU D 182 -19.27 -9.77 33.93
N ASP D 183 -20.50 -9.69 33.44
CA ASP D 183 -20.89 -10.30 32.17
C ASP D 183 -20.68 -9.38 30.97
N GLY D 184 -20.22 -8.16 31.22
CA GLY D 184 -19.97 -7.17 30.17
C GLY D 184 -21.20 -6.42 29.67
N LYS D 185 -22.34 -6.61 30.34
CA LYS D 185 -23.52 -5.86 30.00
C LYS D 185 -23.61 -4.65 30.94
N VAL D 186 -24.41 -3.68 30.57
CA VAL D 186 -24.50 -2.44 31.33
C VAL D 186 -25.19 -2.75 32.66
N ALA D 187 -24.48 -2.49 33.75
CA ALA D 187 -25.03 -2.68 35.10
C ALA D 187 -25.69 -1.40 35.55
N SER D 188 -25.06 -0.27 35.25
CA SER D 188 -25.63 1.02 35.56
C SER D 188 -25.01 2.09 34.68
N GLN D 189 -25.59 3.28 34.71
CA GLN D 189 -25.11 4.40 33.93
C GLN D 189 -25.50 5.70 34.60
N SER D 190 -24.79 6.76 34.24
CA SER D 190 -25.15 8.09 34.71
C SER D 190 -24.66 9.13 33.72
N ARG D 191 -25.31 10.29 33.72
CA ARG D 191 -25.00 11.36 32.80
C ARG D 191 -24.68 12.60 33.60
N SER D 192 -23.54 13.23 33.30
CA SER D 192 -23.10 14.43 34.00
C SER D 192 -23.95 15.62 33.60
N LYS D 193 -23.74 16.72 34.34
CA LYS D 193 -24.24 18.01 33.90
C LYS D 193 -23.42 18.41 32.67
N GLN D 194 -23.88 19.44 31.95
CA GLN D 194 -23.12 19.94 30.81
C GLN D 194 -21.74 20.42 31.22
N MET D 195 -20.71 19.89 30.58
CA MET D 195 -19.34 20.32 30.83
C MET D 195 -18.94 21.50 29.96
N PHE D 196 -19.20 21.40 28.65
CA PHE D 196 -18.81 22.43 27.70
C PHE D 196 -19.95 22.77 26.75
N SER D 197 -19.89 23.97 26.19
CA SER D 197 -20.79 24.37 25.11
C SER D 197 -20.30 23.78 23.79
N VAL D 198 -21.06 22.86 23.26
CA VAL D 198 -20.76 22.25 21.97
C VAL D 198 -20.61 23.31 20.87
N LYS D 199 -21.52 24.29 20.85
CA LYS D 199 -21.49 25.32 19.80
C LYS D 199 -20.37 26.32 20.03
N ASP D 200 -20.20 26.75 21.26
CA ASP D 200 -19.37 27.89 21.56
C ASP D 200 -17.92 27.55 21.96
N ASP D 201 -17.67 26.35 22.48
CA ASP D 201 -16.32 25.99 22.95
C ASP D 201 -16.10 24.48 22.85
N PRO D 202 -16.18 23.94 21.62
CA PRO D 202 -16.04 22.49 21.43
C PRO D 202 -14.68 22.01 21.92
N ILE D 203 -14.70 20.88 22.61
CA ILE D 203 -13.47 20.24 23.06
C ILE D 203 -12.95 19.21 22.06
N PHE D 204 -11.64 19.05 22.10
CA PHE D 204 -10.98 17.88 21.46
C PHE D 204 -11.34 16.64 22.28
N ILE D 205 -11.56 15.52 21.61
CA ILE D 205 -11.96 14.31 22.30
C ILE D 205 -10.83 13.68 23.13
N ALA D 206 -9.58 13.97 22.82
CA ALA D 206 -8.46 13.30 23.49
C ALA D 206 -8.36 13.71 24.97
N PRO D 207 -8.46 12.75 25.90
CA PRO D 207 -8.34 13.11 27.32
C PRO D 207 -6.91 13.22 27.81
N ALA D 208 -6.69 14.08 28.79
CA ALA D 208 -5.50 14.08 29.58
C ALA D 208 -5.95 13.38 30.86
N LEU D 209 -5.66 12.09 30.92
CA LEU D 209 -6.31 11.20 31.87
C LEU D 209 -5.50 10.91 33.12
N ASP D 210 -6.10 11.23 34.27
CA ASP D 210 -5.53 10.93 35.57
C ASP D 210 -6.25 9.72 36.16
N LYS D 211 -5.85 9.33 37.37
CA LYS D 211 -6.42 8.19 38.05
C LYS D 211 -7.93 8.33 38.25
N ASP D 212 -8.35 9.54 38.64
CA ASP D 212 -9.74 9.82 39.03
C ASP D 212 -10.33 11.05 38.38
N LYS D 213 -9.67 11.59 37.36
CA LYS D 213 -10.19 12.75 36.66
C LYS D 213 -9.61 12.81 35.26
N ALA D 214 -10.31 13.52 34.39
CA ALA D 214 -9.84 13.71 33.00
C ALA D 214 -9.91 15.17 32.68
N HIS D 215 -8.89 15.68 31.97
CA HIS D 215 -8.93 17.05 31.46
C HIS D 215 -9.03 17.01 29.94
N PHE D 216 -9.71 18.01 29.38
CA PHE D 216 -9.92 18.16 27.95
C PHE D 216 -9.59 19.59 27.56
N VAL D 217 -8.99 19.76 26.39
CA VAL D 217 -8.72 21.11 25.88
C VAL D 217 -9.68 21.45 24.76
N SER D 218 -9.95 22.73 24.59
CA SER D 218 -10.93 23.18 23.61
C SER D 218 -10.28 23.84 22.39
N TYR D 219 -11.09 23.98 21.34
CA TYR D 219 -10.63 24.60 20.10
C TYR D 219 -10.05 26.00 20.34
N TYR D 220 -10.52 26.68 21.40
CA TYR D 220 -10.10 28.04 21.72
C TYR D 220 -9.10 28.12 22.88
N GLY D 221 -8.57 26.98 23.31
CA GLY D 221 -7.50 26.95 24.29
C GLY D 221 -7.96 26.94 25.74
N ASN D 222 -9.20 26.55 25.94
CA ASN D 222 -9.73 26.38 27.31
C ASN D 222 -9.57 24.96 27.79
N VAL D 223 -9.63 24.78 29.11
CA VAL D 223 -9.47 23.48 29.74
C VAL D 223 -10.73 23.16 30.55
N TYR D 224 -11.27 21.96 30.36
CA TYR D 224 -12.43 21.46 31.10
C TYR D 224 -12.04 20.20 31.84
N SER D 225 -12.71 19.90 32.95
CA SER D 225 -12.37 18.70 33.71
C SER D 225 -13.58 17.90 34.11
N ALA D 226 -13.39 16.59 34.18
CA ALA D 226 -14.40 15.64 34.65
C ALA D 226 -13.76 14.84 35.77
N ASP D 227 -14.31 14.97 36.98
CA ASP D 227 -13.85 14.27 38.18
C ASP D 227 -14.76 13.07 38.43
N PHE D 228 -14.17 11.87 38.40
CA PHE D 228 -14.92 10.63 38.59
C PHE D 228 -14.37 9.89 39.82
N SER D 229 -13.92 10.65 40.82
CA SER D 229 -13.56 10.09 42.12
C SER D 229 -14.75 9.41 42.78
N GLY D 230 -15.94 9.91 42.51
CA GLY D 230 -17.19 9.34 43.02
C GLY D 230 -18.03 8.72 41.92
N ASP D 231 -19.22 8.25 42.29
CA ASP D 231 -20.09 7.55 41.36
C ASP D 231 -20.69 8.46 40.29
N GLU D 232 -20.94 9.73 40.63
CA GLU D 232 -21.42 10.74 39.67
C GLU D 232 -20.24 11.62 39.26
N VAL D 233 -20.08 11.83 37.96
CA VAL D 233 -19.01 12.66 37.44
C VAL D 233 -19.37 14.11 37.70
N LYS D 234 -18.41 14.87 38.25
CA LYS D 234 -18.56 16.30 38.47
C LYS D 234 -17.71 17.02 37.44
N VAL D 235 -18.29 18.00 36.78
CA VAL D 235 -17.61 18.68 35.68
C VAL D 235 -17.30 20.12 36.03
N ASP D 236 -16.22 20.64 35.45
CA ASP D 236 -15.81 22.02 35.72
C ASP D 236 -15.08 22.59 34.52
N GLY D 237 -14.86 23.91 34.56
CA GLY D 237 -14.21 24.63 33.48
C GLY D 237 -15.16 25.64 32.85
N PRO D 238 -14.62 26.59 32.11
CA PRO D 238 -13.24 26.55 31.59
C PRO D 238 -12.22 27.34 32.42
N TRP D 239 -10.97 26.90 32.39
CA TRP D 239 -9.85 27.81 32.62
C TRP D 239 -9.05 27.87 31.31
N SER D 240 -8.34 28.95 31.10
CA SER D 240 -7.62 29.15 29.84
C SER D 240 -6.15 28.75 29.94
N LEU D 241 -5.68 28.09 28.89
CA LEU D 241 -4.27 27.78 28.74
C LEU D 241 -3.39 28.98 28.49
N LEU D 242 -4.03 30.08 28.09
CA LEU D 242 -3.36 31.26 27.56
C LEU D 242 -3.21 32.32 28.64
N ASN D 243 -2.04 32.93 28.73
CA ASN D 243 -1.85 34.17 29.53
C ASN D 243 -1.97 35.37 28.59
N ASP D 244 -1.71 36.58 29.08
CA ASP D 244 -1.99 37.77 28.27
C ASP D 244 -1.10 37.87 27.03
N GLU D 245 0.21 37.59 27.18
CA GLU D 245 1.14 37.56 26.02
C GLU D 245 0.67 36.56 24.96
N ASP D 246 0.16 35.42 25.40
CA ASP D 246 -0.22 34.36 24.46
C ASP D 246 -1.39 34.79 23.59
N LYS D 247 -2.26 35.64 24.13
CA LYS D 247 -3.47 36.04 23.41
C LYS D 247 -3.17 36.87 22.15
N ALA D 248 -2.09 37.63 22.21
CA ALA D 248 -1.68 38.51 21.12
C ALA D 248 -1.45 37.73 19.83
N LYS D 249 -0.87 36.54 19.95
CA LYS D 249 -0.54 35.70 18.79
C LYS D 249 -1.56 34.59 18.53
N ASN D 250 -2.71 34.66 19.20
CA ASN D 250 -3.83 33.75 18.94
C ASN D 250 -3.40 32.30 19.05
N TRP D 251 -2.65 31.98 20.10
CA TRP D 251 -2.28 30.58 20.37
C TRP D 251 -3.51 29.74 20.64
N VAL D 252 -3.60 28.56 20.01
CA VAL D 252 -4.68 27.61 20.24
C VAL D 252 -4.10 26.20 20.11
N PRO D 253 -4.79 25.19 20.67
CA PRO D 253 -4.32 23.83 20.49
C PRO D 253 -4.54 23.31 19.07
N GLY D 254 -3.77 22.30 18.68
CA GLY D 254 -4.04 21.60 17.40
C GLY D 254 -3.39 20.25 17.38
N GLY D 255 -4.08 19.31 16.76
CA GLY D 255 -3.52 17.97 16.55
C GLY D 255 -4.63 16.95 16.62
N TYR D 256 -4.23 15.70 16.89
CA TYR D 256 -5.16 14.58 16.94
C TYR D 256 -5.19 13.98 18.35
N ASN D 257 -4.26 13.09 18.65
CA ASN D 257 -4.02 12.65 20.02
C ASN D 257 -3.09 13.69 20.68
N LEU D 258 -3.68 14.84 20.98
CA LEU D 258 -2.87 16.05 21.14
C LEU D 258 -2.53 16.45 22.56
N VAL D 259 -2.98 15.66 23.53
CA VAL D 259 -2.70 15.95 24.95
C VAL D 259 -2.22 14.70 25.68
N GLY D 260 -1.64 14.93 26.86
CA GLY D 260 -1.18 13.87 27.71
C GLY D 260 -1.08 14.40 29.11
N LEU D 261 -1.12 13.49 30.08
CA LEU D 261 -0.95 13.87 31.48
C LEU D 261 0.14 13.03 32.10
N HIS D 262 1.09 13.68 32.78
CA HIS D 262 2.04 12.99 33.63
C HIS D 262 1.40 12.97 35.04
N ARG D 263 0.89 11.82 35.48
CA ARG D 263 0.00 11.79 36.65
C ARG D 263 0.71 12.16 37.94
N ALA D 264 1.95 11.73 38.09
CA ALA D 264 2.65 12.01 39.36
C ALA D 264 2.80 13.50 39.63
N SER D 265 3.06 14.28 38.58
CA SER D 265 3.33 15.71 38.70
C SER D 265 2.09 16.58 38.45
N GLY D 266 1.07 16.03 37.78
CA GLY D 266 -0.08 16.81 37.37
C GLY D 266 0.17 17.69 36.15
N ARG D 267 1.28 17.43 35.45
CA ARG D 267 1.65 18.18 34.27
C ARG D 267 0.91 17.65 33.06
N MET D 268 0.20 18.54 32.36
CA MET D 268 -0.51 18.25 31.12
C MET D 268 0.30 18.83 29.96
N TYR D 269 0.45 18.02 28.92
CA TYR D 269 1.20 18.37 27.72
C TYR D 269 0.18 18.60 26.62
N VAL D 270 0.37 19.66 25.85
CA VAL D 270 -0.58 20.06 24.80
C VAL D 270 0.16 20.62 23.60
N PHE D 271 -0.21 20.14 22.40
CA PHE D 271 0.31 20.75 21.15
C PHE D 271 -0.40 22.04 20.84
N MET D 272 0.38 23.08 20.54
CA MET D 272 -0.14 24.41 20.29
C MET D 272 0.46 25.00 19.03
N HIS D 273 -0.28 25.92 18.42
CA HIS D 273 0.24 26.74 17.32
C HIS D 273 -0.34 28.16 17.40
N PRO D 274 0.42 29.13 16.88
CA PRO D 274 -0.09 30.50 16.79
C PRO D 274 -1.02 30.72 15.61
N ASP D 275 -1.56 31.93 15.54
CA ASP D 275 -2.42 32.34 14.46
C ASP D 275 -3.64 31.44 14.32
N GLY D 276 -4.16 31.02 15.47
CA GLY D 276 -5.35 30.20 15.51
C GLY D 276 -6.56 30.92 14.94
N LYS D 277 -7.35 30.19 14.20
CA LYS D 277 -8.64 30.62 13.70
C LYS D 277 -9.45 29.43 13.25
N GLU D 278 -10.67 29.67 12.80
CA GLU D 278 -11.52 28.59 12.33
C GLU D 278 -10.80 27.76 11.27
N GLY D 279 -10.73 26.46 11.53
CA GLY D 279 -10.14 25.51 10.60
C GLY D 279 -8.71 25.09 10.91
N THR D 280 -8.13 25.59 12.02
CA THR D 280 -6.74 25.26 12.36
C THR D 280 -6.58 24.21 13.49
N HIS D 281 -7.69 23.57 13.87
CA HIS D 281 -7.66 22.63 15.01
C HIS D 281 -6.87 21.33 14.80
N LYS D 282 -6.52 21.02 13.55
CA LYS D 282 -5.64 19.85 13.26
C LYS D 282 -4.25 20.21 12.76
N PHE D 283 -3.87 21.48 12.92
CA PHE D 283 -2.56 21.96 12.51
C PHE D 283 -1.46 21.36 13.35
N PRO D 284 -0.30 21.08 12.73
CA PRO D 284 0.86 20.62 13.46
C PRO D 284 1.31 21.59 14.58
N ALA D 285 1.97 21.04 15.59
CA ALA D 285 2.44 21.79 16.75
C ALA D 285 3.62 22.67 16.40
N ALA D 286 3.45 23.98 16.59
CA ALA D 286 4.57 24.91 16.65
C ALA D 286 5.32 24.74 17.96
N GLU D 287 4.57 24.46 19.04
CA GLU D 287 5.15 24.23 20.34
C GLU D 287 4.38 23.16 21.10
N ILE D 288 5.05 22.60 22.08
CA ILE D 288 4.41 21.80 23.15
C ILE D 288 4.40 22.67 24.40
N TRP D 289 3.22 22.88 24.98
CA TRP D 289 3.13 23.57 26.28
C TRP D 289 2.96 22.55 27.37
N VAL D 290 3.55 22.86 28.52
CA VAL D 290 3.49 22.00 29.69
C VAL D 290 2.80 22.83 30.77
N MET D 291 1.64 22.34 31.22
CA MET D 291 0.76 23.05 32.17
C MET D 291 0.73 22.31 33.49
N ASP D 292 0.85 23.06 34.60
CA ASP D 292 0.54 22.49 35.91
C ASP D 292 -0.98 22.58 36.09
N THR D 293 -1.65 21.42 36.16
CA THR D 293 -3.09 21.40 36.19
C THR D 293 -3.65 21.81 37.56
N LYS D 294 -2.80 21.84 38.59
CA LYS D 294 -3.21 22.33 39.93
C LYS D 294 -3.22 23.87 39.99
N THR D 295 -2.11 24.47 39.57
CA THR D 295 -1.97 25.93 39.60
C THR D 295 -2.63 26.60 38.40
N LYS D 296 -2.93 25.80 37.37
CA LYS D 296 -3.59 26.29 36.17
C LYS D 296 -2.73 27.27 35.38
N GLN D 297 -1.43 26.97 35.38
CA GLN D 297 -0.39 27.81 34.79
C GLN D 297 0.57 27.01 33.92
N ARG D 298 1.06 27.62 32.84
CA ARG D 298 2.12 27.02 32.04
C ARG D 298 3.43 27.04 32.82
N VAL D 299 4.16 25.91 32.79
CA VAL D 299 5.48 25.80 33.45
C VAL D 299 6.62 25.60 32.44
N ALA D 300 6.29 25.32 31.19
CA ALA D 300 7.31 25.14 30.17
C ALA D 300 6.72 25.20 28.77
N ARG D 301 7.56 25.56 27.81
CA ARG D 301 7.19 25.49 26.42
C ARG D 301 8.44 25.15 25.59
N ILE D 302 8.23 24.31 24.58
CA ILE D 302 9.34 23.86 23.73
C ILE D 302 8.87 23.76 22.30
N PRO D 303 9.83 23.78 21.36
CA PRO D 303 9.46 23.65 19.96
C PRO D 303 8.74 22.32 19.70
N GLY D 304 7.71 22.33 18.86
CA GLY D 304 6.87 21.15 18.66
C GLY D 304 7.30 20.16 17.59
N ARG D 305 8.25 20.57 16.75
CA ARG D 305 8.69 19.71 15.63
C ARG D 305 7.52 19.19 14.76
N ASP D 306 6.48 20.01 14.56
CA ASP D 306 5.37 19.68 13.67
C ASP D 306 4.58 18.44 14.13
N ALA D 307 4.64 18.17 15.43
CA ALA D 307 3.96 16.99 15.94
C ALA D 307 2.45 17.13 15.92
N LEU D 308 1.76 15.99 15.76
CA LEU D 308 0.32 15.91 15.70
C LEU D 308 -0.29 15.04 16.81
N SER D 309 0.44 14.01 17.23
CA SER D 309 -0.02 13.09 18.25
C SER D 309 1.09 12.78 19.26
N MET D 310 0.70 12.39 20.48
CA MET D 310 1.64 12.06 21.54
C MET D 310 1.14 10.90 22.36
N THR D 311 2.01 10.42 23.24
CA THR D 311 1.62 9.47 24.28
C THR D 311 2.64 9.60 25.41
N ILE D 312 2.24 9.23 26.63
CA ILE D 312 3.07 9.40 27.81
C ILE D 312 3.29 8.05 28.48
N ASP D 313 4.53 7.81 28.93
CA ASP D 313 4.84 6.69 29.83
C ASP D 313 5.07 7.23 31.25
N GLN D 314 4.21 6.83 32.17
CA GLN D 314 4.26 7.30 33.54
C GLN D 314 5.52 6.85 34.28
N GLN D 315 5.82 5.56 34.16
CA GLN D 315 6.91 4.92 34.91
C GLN D 315 8.29 5.46 34.56
N ARG D 316 8.54 5.69 33.28
CA ARG D 316 9.85 6.08 32.80
C ARG D 316 9.93 7.57 32.53
N ASN D 317 8.83 8.28 32.80
CA ASN D 317 8.78 9.71 32.61
C ASN D 317 9.18 10.09 31.20
N LEU D 318 8.42 9.55 30.23
CA LEU D 318 8.68 9.78 28.83
C LEU D 318 7.43 10.27 28.09
N MET D 319 7.66 11.08 27.07
CA MET D 319 6.61 11.49 26.12
C MET D 319 7.14 11.15 24.73
N LEU D 320 6.31 10.51 23.91
CA LEU D 320 6.60 10.36 22.47
C LEU D 320 5.77 11.36 21.74
N THR D 321 6.31 11.96 20.67
CA THR D 321 5.50 12.74 19.77
C THR D 321 5.66 12.22 18.34
N LEU D 322 4.69 12.53 17.52
CA LEU D 322 4.63 11.92 16.19
C LEU D 322 4.08 12.92 15.22
N ASP D 323 4.79 13.12 14.09
CA ASP D 323 4.38 14.15 13.10
C ASP D 323 3.67 13.57 11.86
N GLY D 324 3.40 12.27 11.91
CA GLY D 324 2.86 11.52 10.76
C GLY D 324 3.79 10.46 10.28
N GLY D 325 5.09 10.72 10.40
CA GLY D 325 6.12 9.83 9.87
C GLY D 325 7.29 9.56 10.80
N ASN D 326 7.58 10.50 11.70
CA ASN D 326 8.73 10.44 12.58
C ASN D 326 8.27 10.48 14.02
N VAL D 327 8.96 9.76 14.88
CA VAL D 327 8.65 9.73 16.31
C VAL D 327 9.79 10.38 17.08
N ASN D 328 9.43 11.33 17.94
CA ASN D 328 10.38 11.97 18.84
C ASN D 328 10.21 11.44 20.25
N VAL D 329 11.33 11.19 20.93
CA VAL D 329 11.32 10.68 22.28
C VAL D 329 11.83 11.78 23.21
N TYR D 330 11.03 12.12 24.22
CA TYR D 330 11.37 13.14 25.23
C TYR D 330 11.39 12.59 26.66
N ASP D 331 12.37 13.04 27.44
CA ASP D 331 12.44 12.82 28.87
C ASP D 331 11.63 13.96 29.49
N ILE D 332 10.60 13.58 30.24
CA ILE D 332 9.73 14.56 30.90
C ILE D 332 9.82 14.46 32.43
N SER D 333 10.97 14.00 32.95
CA SER D 333 11.19 13.94 34.40
C SER D 333 11.19 15.33 35.07
N GLN D 334 11.56 16.36 34.32
CA GLN D 334 11.51 17.74 34.79
C GLN D 334 10.46 18.51 34.01
N PRO D 335 10.04 19.67 34.51
CA PRO D 335 9.03 20.43 33.80
C PRO D 335 9.35 20.72 32.34
N GLU D 336 10.59 21.09 32.03
CA GLU D 336 10.94 21.29 30.66
C GLU D 336 11.37 19.96 30.05
N PRO D 337 10.63 19.48 29.03
CA PRO D 337 11.04 18.24 28.38
C PRO D 337 12.37 18.36 27.66
N LYS D 338 13.09 17.23 27.56
CA LYS D 338 14.38 17.14 26.88
C LYS D 338 14.28 16.12 25.75
N LEU D 339 14.61 16.54 24.53
CA LEU D 339 14.60 15.65 23.35
C LEU D 339 15.77 14.71 23.41
N LEU D 340 15.48 13.40 23.36
CA LEU D 340 16.48 12.34 23.44
C LEU D 340 16.88 11.86 22.05
N ARG D 341 15.90 11.62 21.18
CA ARG D 341 16.17 11.19 19.81
C ARG D 341 14.93 11.26 18.94
N THR D 342 15.15 11.14 17.63
CA THR D 342 14.08 11.06 16.69
C THR D 342 14.26 9.78 15.86
N ILE D 343 13.17 9.04 15.68
CA ILE D 343 13.14 7.85 14.85
C ILE D 343 12.53 8.30 13.53
N GLU D 344 13.35 8.38 12.47
CA GLU D 344 12.84 8.87 11.21
C GLU D 344 12.21 7.73 10.41
N GLY D 345 11.12 8.02 9.72
CA GLY D 345 10.49 7.05 8.81
C GLY D 345 9.89 5.87 9.52
N ALA D 346 9.36 6.13 10.72
CA ALA D 346 8.65 5.10 11.45
C ALA D 346 7.31 4.69 10.81
N ALA D 347 6.71 5.59 10.04
CA ALA D 347 5.46 5.33 9.32
C ALA D 347 5.36 6.25 8.10
N GLU D 348 4.44 5.90 7.22
CA GLU D 348 4.08 6.78 6.11
C GLU D 348 2.95 7.72 6.52
N ALA D 349 2.02 7.23 7.33
CA ALA D 349 0.86 8.01 7.70
C ALA D 349 0.29 7.52 9.04
N SER D 350 0.96 7.92 10.13
CA SER D 350 0.54 7.51 11.46
C SER D 350 0.18 8.72 12.30
N LEU D 351 -0.96 8.61 12.98
CA LEU D 351 -1.42 9.59 13.93
C LEU D 351 -1.53 8.97 15.33
N GLN D 352 -0.92 7.81 15.55
CA GLN D 352 -0.97 7.16 16.87
C GLN D 352 0.25 6.33 17.19
N VAL D 353 0.86 6.60 18.34
CA VAL D 353 1.94 5.79 18.87
C VAL D 353 1.60 5.45 20.32
N GLN D 354 1.98 4.25 20.74
CA GLN D 354 1.74 3.79 22.10
C GLN D 354 2.93 3.00 22.63
N PHE D 355 3.17 3.10 23.93
CA PHE D 355 4.15 2.23 24.60
C PHE D 355 3.63 0.86 24.92
N HIS D 356 4.52 -0.13 24.95
CA HIS D 356 4.23 -1.40 25.57
C HIS D 356 4.09 -1.13 27.08
N PRO D 357 3.03 -1.65 27.71
CA PRO D 357 2.90 -1.48 29.17
C PRO D 357 3.99 -2.16 29.98
N VAL D 358 4.48 -1.50 31.03
CA VAL D 358 5.52 -2.08 31.91
C VAL D 358 5.11 -1.96 33.38
#